data_1J0H
#
_entry.id   1J0H
#
_cell.length_a   68.713
_cell.length_b   72.762
_cell.length_c   123.640
_cell.angle_alpha   90.00
_cell.angle_beta   90.84
_cell.angle_gamma   90.00
#
_symmetry.space_group_name_H-M   'P 1 21 1'
#
loop_
_entity.id
_entity.type
_entity.pdbx_description
1 polymer neopullulanase
2 non-polymer 'CHLORIDE ION'
3 non-polymer 'CALCIUM ION'
4 water water
#
_entity_poly.entity_id   1
_entity_poly.type   'polypeptide(L)'
_entity_poly.pdbx_seq_one_letter_code
;MRKEAIYHRPADNFAYAYDSETLHLRLRTKKDDIDRVELLHGDPYDWQNGAWQFQMMPMRKTGSDELFDYWFAEVKPPYR
RLRYGFVLYSGEEKLVYTEKGFYFEVPTDDTAYYFCFPFLHRVDLFEAPDWVKDTVWYQIFPERFANGNPSISPEGSRPW
GSEDPTPTSFFGGDLQGIIDHLDYLVDLGITGIYLTPIFRSPSNHKYDTADYFEVDPHFGDKETLKTLIDRCHEKGIRVM
LDAVFNHCGYEFAPFQDVWKNGESSKYKDWFHIHEFPLQTEPRPNYDTFAFVPQMPKLNTANPEVKRYLLDVATYWIREF
DIDGWRLDVANEIDHEFWREFRQEVKALKPDVYILGEIWHDAMPWLRGDQFDAVMNYPFTDGVLRFFAKEEISARQFANQ
MMHVLHSYPNNVNEAAFNLLGSHDTSRILTVCGGDIRKVKLLFLFQLTFTGSPCIYYGDEIGMTGGNDPECRKCMVWDPM
QQNKELHQHVKQLIALRKQYRSLRRGEISFLHADDEMNYLIYKKTDGDETVLVIINRSDQKADIPIPLDARGTWLVNLLT
GERFAAEAETLCTSLPPYGFVLYAIEHW
;
_entity_poly.pdbx_strand_id   A,B
#
loop_
_chem_comp.id
_chem_comp.type
_chem_comp.name
_chem_comp.formula
CA non-polymer 'CALCIUM ION' 'Ca 2'
CL non-polymer 'CHLORIDE ION' 'Cl -1'
#
# COMPACT_ATOMS: atom_id res chain seq x y z
N MET A 1 -15.81 -17.71 18.50
CA MET A 1 -14.69 -16.99 17.84
C MET A 1 -14.92 -15.48 17.84
N ARG A 2 -13.84 -14.71 17.98
CA ARG A 2 -13.95 -13.25 18.01
C ARG A 2 -13.66 -12.62 16.66
N LYS A 3 -14.74 -12.29 15.95
CA LYS A 3 -14.67 -11.68 14.63
C LYS A 3 -13.88 -10.37 14.60
N GLU A 4 -13.91 -9.62 15.69
CA GLU A 4 -13.21 -8.34 15.75
C GLU A 4 -11.68 -8.47 15.71
N ALA A 5 -11.18 -9.70 15.89
CA ALA A 5 -9.74 -9.95 15.89
C ALA A 5 -9.25 -10.64 14.61
N ILE A 6 -10.17 -10.93 13.70
CA ILE A 6 -9.84 -11.60 12.44
C ILE A 6 -9.55 -10.56 11.36
N TYR A 7 -8.40 -10.68 10.70
CA TYR A 7 -8.05 -9.70 9.68
C TYR A 7 -7.24 -10.19 8.49
N HIS A 8 -7.60 -9.63 7.34
CA HIS A 8 -6.93 -9.86 6.07
C HIS A 8 -7.37 -8.76 5.11
N ARG A 9 -6.43 -8.28 4.30
CA ARG A 9 -6.73 -7.30 3.27
C ARG A 9 -5.70 -7.58 2.18
N PRO A 10 -6.16 -7.78 0.93
CA PRO A 10 -5.45 -8.08 -0.32
C PRO A 10 -4.24 -7.26 -0.74
N ALA A 11 -3.20 -7.25 0.08
CA ALA A 11 -2.01 -6.49 -0.26
C ALA A 11 -0.94 -6.60 0.81
N ASP A 12 0.15 -5.87 0.62
CA ASP A 12 1.24 -5.86 1.59
C ASP A 12 1.68 -7.24 2.08
N ASN A 13 1.64 -7.44 3.39
CA ASN A 13 2.07 -8.70 3.98
C ASN A 13 1.00 -9.80 4.01
N PHE A 14 -0.24 -9.44 3.70
CA PHE A 14 -1.32 -10.43 3.73
C PHE A 14 -1.58 -11.16 2.41
N ALA A 15 -1.21 -10.54 1.30
CA ALA A 15 -1.40 -11.17 -0.01
C ALA A 15 -0.36 -10.61 -0.96
N TYR A 16 0.50 -11.48 -1.49
CA TYR A 16 1.55 -11.04 -2.40
C TYR A 16 2.09 -12.22 -3.22
N ALA A 17 2.66 -11.93 -4.37
CA ALA A 17 3.23 -12.98 -5.20
C ALA A 17 4.62 -13.30 -4.67
N TYR A 18 4.88 -14.56 -4.38
CA TYR A 18 6.21 -14.96 -3.88
C TYR A 18 7.11 -15.13 -5.09
N ASP A 19 6.52 -15.61 -6.19
CA ASP A 19 7.24 -15.80 -7.44
C ASP A 19 6.25 -15.74 -8.60
N SER A 20 6.75 -15.90 -9.81
CA SER A 20 5.93 -15.84 -11.02
C SER A 20 4.66 -16.68 -11.03
N GLU A 21 4.62 -17.77 -10.27
CA GLU A 21 3.44 -18.63 -10.28
C GLU A 21 2.80 -18.87 -8.91
N THR A 22 3.44 -18.40 -7.85
CA THR A 22 2.94 -18.65 -6.50
C THR A 22 2.53 -17.43 -5.68
N LEU A 23 1.36 -17.53 -5.05
CA LEU A 23 0.88 -16.45 -4.19
C LEU A 23 0.97 -16.91 -2.75
N HIS A 24 1.18 -15.94 -1.85
CA HIS A 24 1.23 -16.24 -0.43
C HIS A 24 0.07 -15.47 0.18
N LEU A 25 -0.70 -16.13 1.03
CA LEU A 25 -1.83 -15.50 1.67
C LEU A 25 -1.74 -15.71 3.18
N ARG A 26 -1.94 -14.64 3.93
CA ARG A 26 -1.90 -14.72 5.38
C ARG A 26 -3.22 -14.26 5.98
N LEU A 27 -3.46 -14.69 7.21
CA LEU A 27 -4.65 -14.30 7.97
C LEU A 27 -4.21 -14.26 9.42
N ARG A 28 -4.70 -13.31 10.18
CA ARG A 28 -4.36 -13.27 11.60
C ARG A 28 -5.67 -13.32 12.39
N THR A 29 -5.62 -13.97 13.53
CA THR A 29 -6.78 -14.13 14.38
C THR A 29 -6.35 -13.99 15.84
N LYS A 30 -7.32 -13.92 16.74
CA LYS A 30 -7.00 -13.83 18.16
C LYS A 30 -6.24 -15.09 18.54
N LYS A 31 -5.12 -14.94 19.23
CA LYS A 31 -4.30 -16.08 19.64
C LYS A 31 -5.12 -17.16 20.35
N ASP A 32 -4.97 -18.40 19.89
CA ASP A 32 -5.65 -19.57 20.47
C ASP A 32 -7.17 -19.53 20.40
N ASP A 33 -7.71 -18.61 19.62
CA ASP A 33 -9.16 -18.48 19.50
C ASP A 33 -9.77 -19.38 18.43
N ILE A 34 -8.96 -19.76 17.44
CA ILE A 34 -9.42 -20.60 16.33
C ILE A 34 -8.65 -21.93 16.31
N ASP A 35 -9.35 -23.03 16.05
CA ASP A 35 -8.70 -24.34 16.00
C ASP A 35 -8.04 -24.62 14.65
N ARG A 36 -8.79 -24.38 13.57
CA ARG A 36 -8.28 -24.61 12.23
C ARG A 36 -8.76 -23.51 11.29
N VAL A 37 -7.99 -23.31 10.22
CA VAL A 37 -8.33 -22.31 9.21
C VAL A 37 -8.01 -22.92 7.85
N GLU A 38 -8.92 -22.72 6.91
CA GLU A 38 -8.73 -23.24 5.55
C GLU A 38 -8.88 -22.08 4.58
N LEU A 39 -8.10 -22.11 3.51
CA LEU A 39 -8.20 -21.09 2.48
C LEU A 39 -9.16 -21.63 1.42
N LEU A 40 -10.18 -20.84 1.10
CA LEU A 40 -11.15 -21.20 0.07
C LEU A 40 -10.65 -20.44 -1.14
N HIS A 41 -10.44 -21.12 -2.26
CA HIS A 41 -9.89 -20.43 -3.42
C HIS A 41 -10.31 -21.02 -4.76
N GLY A 42 -10.34 -20.17 -5.78
CA GLY A 42 -10.70 -20.62 -7.12
C GLY A 42 -10.54 -19.50 -8.13
N ASP A 43 -10.41 -19.87 -9.41
CA ASP A 43 -10.29 -18.88 -10.46
C ASP A 43 -11.65 -18.18 -10.53
N PRO A 44 -11.67 -16.85 -10.65
CA PRO A 44 -12.90 -16.05 -10.72
C PRO A 44 -13.87 -16.43 -11.83
N TYR A 45 -13.36 -17.03 -12.91
CA TYR A 45 -14.21 -17.38 -14.04
C TYR A 45 -14.40 -18.87 -14.25
N ASP A 46 -14.01 -19.67 -13.26
CA ASP A 46 -14.12 -21.12 -13.33
C ASP A 46 -15.50 -21.58 -12.87
N TRP A 47 -16.42 -21.70 -13.81
CA TRP A 47 -17.78 -22.14 -13.49
C TRP A 47 -18.14 -23.42 -14.26
N GLN A 48 -18.95 -24.26 -13.62
CA GLN A 48 -19.38 -25.52 -14.20
C GLN A 48 -20.70 -25.95 -13.59
N ASN A 49 -21.66 -26.30 -14.43
CA ASN A 49 -22.98 -26.71 -13.97
C ASN A 49 -23.67 -25.54 -13.28
N GLY A 50 -23.25 -24.32 -13.62
CA GLY A 50 -23.83 -23.14 -13.02
C GLY A 50 -23.35 -22.86 -11.61
N ALA A 51 -22.21 -23.45 -11.24
CA ALA A 51 -21.64 -23.23 -9.90
C ALA A 51 -20.16 -22.87 -9.96
N TRP A 52 -19.75 -21.95 -9.09
CA TRP A 52 -18.36 -21.52 -9.02
C TRP A 52 -17.48 -22.62 -8.45
N GLN A 53 -16.42 -22.96 -9.19
CA GLN A 53 -15.50 -24.01 -8.78
C GLN A 53 -14.39 -23.48 -7.86
N PHE A 54 -14.34 -24.01 -6.65
CA PHE A 54 -13.33 -23.60 -5.68
C PHE A 54 -12.92 -24.81 -4.83
N GLN A 55 -11.74 -24.72 -4.21
CA GLN A 55 -11.27 -25.79 -3.36
C GLN A 55 -10.87 -25.25 -1.99
N MET A 56 -10.66 -26.17 -1.05
CA MET A 56 -10.29 -25.79 0.30
C MET A 56 -8.88 -26.27 0.62
N MET A 57 -8.08 -25.38 1.20
CA MET A 57 -6.70 -25.71 1.53
C MET A 57 -6.42 -25.33 2.98
N PRO A 58 -6.07 -26.31 3.82
CA PRO A 58 -5.78 -26.01 5.23
C PRO A 58 -4.59 -25.05 5.33
N MET A 59 -4.67 -24.10 6.25
CA MET A 59 -3.61 -23.13 6.45
C MET A 59 -2.80 -23.50 7.69
N ARG A 60 -1.50 -23.18 7.66
CA ARG A 60 -0.62 -23.49 8.78
C ARG A 60 -0.35 -22.29 9.66
N LYS A 61 -0.35 -22.50 10.97
CA LYS A 61 -0.08 -21.43 11.91
C LYS A 61 1.43 -21.24 11.93
N THR A 62 1.90 -20.12 11.36
CA THR A 62 3.33 -19.87 11.28
C THR A 62 3.95 -19.25 12.53
N GLY A 63 3.11 -18.81 13.45
CA GLY A 63 3.61 -18.21 14.67
C GLY A 63 2.56 -17.31 15.27
N SER A 64 2.90 -16.62 16.34
CA SER A 64 1.95 -15.71 16.96
C SER A 64 2.67 -14.64 17.77
N ASP A 65 2.06 -13.47 17.86
CA ASP A 65 2.66 -12.42 18.66
C ASP A 65 1.86 -12.34 19.96
N GLU A 66 1.99 -11.25 20.70
CA GLU A 66 1.27 -11.17 21.96
C GLU A 66 -0.25 -11.28 21.83
N LEU A 67 -0.80 -10.82 20.71
CA LEU A 67 -2.25 -10.84 20.54
C LEU A 67 -2.84 -11.77 19.50
N PHE A 68 -2.10 -12.07 18.44
CA PHE A 68 -2.66 -12.89 17.37
C PHE A 68 -1.92 -14.15 16.95
N ASP A 69 -2.64 -14.99 16.20
CA ASP A 69 -2.09 -16.20 15.63
C ASP A 69 -2.02 -15.82 14.15
N TYR A 70 -0.95 -16.21 13.48
CA TYR A 70 -0.81 -15.92 12.06
C TYR A 70 -0.91 -17.22 11.27
N TRP A 71 -1.73 -17.22 10.23
CA TRP A 71 -1.93 -18.40 9.40
C TRP A 71 -1.35 -18.17 8.00
N PHE A 72 -0.87 -19.25 7.39
CA PHE A 72 -0.23 -19.16 6.08
C PHE A 72 -0.65 -20.22 5.06
N ALA A 73 -0.67 -19.80 3.80
CA ALA A 73 -0.99 -20.72 2.71
C ALA A 73 -0.37 -20.20 1.43
N GLU A 74 0.15 -21.11 0.60
CA GLU A 74 0.69 -20.72 -0.69
C GLU A 74 -0.17 -21.43 -1.72
N VAL A 75 -0.50 -20.71 -2.79
CA VAL A 75 -1.34 -21.29 -3.83
C VAL A 75 -0.89 -20.87 -5.22
N LYS A 76 -0.94 -21.81 -6.15
CA LYS A 76 -0.57 -21.54 -7.53
C LYS A 76 -1.88 -21.48 -8.31
N PRO A 77 -2.40 -20.27 -8.55
CA PRO A 77 -3.65 -20.15 -9.30
C PRO A 77 -3.48 -20.80 -10.67
N PRO A 78 -4.43 -21.68 -11.06
CA PRO A 78 -4.38 -22.37 -12.36
C PRO A 78 -4.23 -21.44 -13.56
N TYR A 79 -4.84 -20.27 -13.49
CA TYR A 79 -4.74 -19.31 -14.58
C TYR A 79 -4.28 -17.95 -14.07
N ARG A 80 -3.51 -17.98 -13.00
CA ARG A 80 -2.95 -16.78 -12.38
C ARG A 80 -3.96 -15.73 -11.89
N ARG A 81 -5.20 -16.17 -11.70
CA ARG A 81 -6.27 -15.30 -11.23
C ARG A 81 -6.88 -15.95 -10.00
N LEU A 82 -7.31 -15.15 -9.02
CA LEU A 82 -7.88 -15.77 -7.82
C LEU A 82 -8.87 -14.94 -7.01
N ARG A 83 -9.90 -15.61 -6.51
CA ARG A 83 -10.90 -15.02 -5.63
C ARG A 83 -10.83 -15.99 -4.46
N TYR A 84 -10.72 -15.46 -3.24
CA TYR A 84 -10.59 -16.35 -2.10
C TYR A 84 -11.24 -15.84 -0.81
N GLY A 85 -11.31 -16.74 0.16
CA GLY A 85 -11.88 -16.42 1.45
C GLY A 85 -11.24 -17.31 2.49
N PHE A 86 -11.71 -17.20 3.73
CA PHE A 86 -11.15 -18.00 4.81
C PHE A 86 -12.27 -18.65 5.58
N VAL A 87 -12.07 -19.92 5.93
CA VAL A 87 -13.08 -20.65 6.70
C VAL A 87 -12.41 -20.99 8.03
N LEU A 88 -13.00 -20.49 9.11
CA LEU A 88 -12.45 -20.72 10.44
C LEU A 88 -13.31 -21.70 11.20
N TYR A 89 -12.67 -22.57 11.99
CA TYR A 89 -13.38 -23.56 12.78
C TYR A 89 -12.97 -23.51 14.25
N SER A 90 -13.96 -23.69 15.12
CA SER A 90 -13.76 -23.71 16.56
C SER A 90 -14.92 -24.51 17.13
N GLY A 91 -14.66 -25.78 17.44
CA GLY A 91 -15.70 -26.65 17.97
C GLY A 91 -16.73 -26.87 16.88
N GLU A 92 -18.00 -26.62 17.18
CA GLU A 92 -19.05 -26.79 16.20
C GLU A 92 -19.30 -25.49 15.44
N GLU A 93 -18.58 -24.42 15.80
CA GLU A 93 -18.77 -23.14 15.13
C GLU A 93 -17.93 -23.03 13.86
N LYS A 94 -18.52 -22.44 12.83
CA LYS A 94 -17.85 -22.27 11.56
C LYS A 94 -18.13 -20.87 11.04
N LEU A 95 -17.09 -20.21 10.53
CA LEU A 95 -17.24 -18.87 9.99
C LEU A 95 -16.52 -18.79 8.65
N VAL A 96 -17.13 -18.06 7.73
CA VAL A 96 -16.55 -17.84 6.41
C VAL A 96 -16.26 -16.36 6.36
N TYR A 97 -14.97 -16.01 6.36
CA TYR A 97 -14.53 -14.63 6.34
C TYR A 97 -14.22 -14.20 4.90
N THR A 98 -14.91 -13.14 4.45
CA THR A 98 -14.76 -12.66 3.08
C THR A 98 -14.66 -11.14 3.02
N GLU A 99 -14.49 -10.60 1.82
CA GLU A 99 -14.40 -9.15 1.68
C GLU A 99 -15.75 -8.52 2.03
N LYS A 100 -16.84 -9.27 1.82
CA LYS A 100 -18.16 -8.77 2.14
C LYS A 100 -18.60 -9.13 3.55
N GLY A 101 -17.66 -9.55 4.38
CA GLY A 101 -17.99 -9.87 5.76
C GLY A 101 -17.99 -11.35 6.12
N PHE A 102 -18.67 -11.66 7.22
CA PHE A 102 -18.76 -13.03 7.71
C PHE A 102 -20.07 -13.71 7.35
N TYR A 103 -19.97 -15.01 7.07
CA TYR A 103 -21.11 -15.85 6.73
C TYR A 103 -20.94 -17.13 7.55
N PHE A 104 -22.00 -17.93 7.68
CA PHE A 104 -21.92 -19.16 8.46
C PHE A 104 -21.75 -20.42 7.63
N GLU A 105 -21.75 -20.23 6.30
CA GLU A 105 -21.54 -21.30 5.34
C GLU A 105 -21.07 -20.61 4.07
N VAL A 106 -20.43 -21.37 3.20
CA VAL A 106 -19.88 -20.80 1.97
C VAL A 106 -20.91 -20.40 0.90
N PRO A 107 -20.97 -19.10 0.59
CA PRO A 107 -21.91 -18.63 -0.43
C PRO A 107 -21.25 -18.88 -1.79
N THR A 108 -21.98 -19.50 -2.71
CA THR A 108 -21.40 -19.80 -4.01
C THR A 108 -22.19 -19.26 -5.20
N ASP A 109 -23.20 -18.44 -4.93
CA ASP A 109 -24.01 -17.90 -6.01
C ASP A 109 -23.28 -16.79 -6.76
N ASP A 110 -22.18 -16.32 -6.21
CA ASP A 110 -21.39 -15.26 -6.84
C ASP A 110 -20.00 -15.17 -6.21
N THR A 111 -19.06 -14.54 -6.92
CA THR A 111 -17.69 -14.39 -6.43
C THR A 111 -17.41 -13.04 -5.77
N ALA A 112 -18.36 -12.12 -5.87
CA ALA A 112 -18.19 -10.78 -5.32
C ALA A 112 -17.91 -10.76 -3.82
N TYR A 113 -18.33 -11.79 -3.09
CA TYR A 113 -18.10 -11.82 -1.65
C TYR A 113 -16.63 -11.86 -1.30
N TYR A 114 -15.87 -12.57 -2.12
CA TYR A 114 -14.46 -12.81 -1.85
C TYR A 114 -13.37 -11.83 -2.18
N PHE A 115 -12.27 -11.95 -1.45
CA PHE A 115 -11.10 -11.12 -1.65
C PHE A 115 -10.58 -11.51 -3.02
N CYS A 116 -9.85 -10.60 -3.66
CA CYS A 116 -9.36 -10.88 -4.98
C CYS A 116 -7.90 -10.55 -5.22
N PHE A 117 -7.22 -11.44 -5.93
CA PHE A 117 -5.84 -11.21 -6.34
C PHE A 117 -6.00 -11.42 -7.84
N PRO A 118 -6.46 -10.38 -8.54
CA PRO A 118 -6.72 -10.32 -9.98
C PRO A 118 -5.81 -11.08 -10.94
N PHE A 119 -4.51 -10.79 -10.92
CA PHE A 119 -3.59 -11.48 -11.83
C PHE A 119 -2.16 -11.40 -11.32
N LEU A 120 -1.43 -12.51 -11.44
CA LEU A 120 -0.06 -12.57 -10.98
C LEU A 120 0.86 -12.11 -12.12
N HIS A 121 1.42 -10.91 -11.99
CA HIS A 121 2.33 -10.36 -13.01
C HIS A 121 3.78 -10.41 -12.55
N ARG A 122 4.65 -10.91 -13.41
CA ARG A 122 6.07 -11.00 -13.09
C ARG A 122 6.63 -9.61 -12.82
N VAL A 123 6.17 -8.62 -13.60
CA VAL A 123 6.65 -7.25 -13.45
C VAL A 123 6.37 -6.60 -12.10
N ASP A 124 5.30 -7.00 -11.43
CA ASP A 124 4.95 -6.42 -10.12
C ASP A 124 5.52 -7.21 -8.95
N LEU A 125 6.20 -8.30 -9.25
CA LEU A 125 6.79 -9.14 -8.23
C LEU A 125 7.94 -8.44 -7.50
N PHE A 126 7.98 -8.61 -6.17
CA PHE A 126 9.07 -8.03 -5.39
C PHE A 126 10.25 -8.96 -5.61
N GLU A 127 11.37 -8.41 -6.07
CA GLU A 127 12.56 -9.22 -6.30
C GLU A 127 13.83 -8.47 -5.95
N ALA A 128 14.49 -8.92 -4.89
CA ALA A 128 15.74 -8.31 -4.45
C ALA A 128 16.89 -9.15 -5.01
N PRO A 129 18.11 -8.58 -5.06
CA PRO A 129 19.26 -9.32 -5.58
C PRO A 129 19.52 -10.54 -4.69
N ASP A 130 19.59 -11.71 -5.30
CA ASP A 130 19.80 -12.94 -4.54
C ASP A 130 21.10 -13.02 -3.75
N TRP A 131 22.17 -12.42 -4.27
CA TRP A 131 23.45 -12.47 -3.56
C TRP A 131 23.46 -11.89 -2.15
N VAL A 132 22.60 -10.92 -1.85
CA VAL A 132 22.59 -10.33 -0.51
C VAL A 132 22.16 -11.32 0.57
N LYS A 133 21.39 -12.33 0.18
CA LYS A 133 20.91 -13.32 1.13
C LYS A 133 22.00 -14.14 1.80
N ASP A 134 23.15 -14.28 1.15
CA ASP A 134 24.24 -15.04 1.72
C ASP A 134 25.34 -14.14 2.24
N THR A 135 25.16 -12.85 2.05
CA THR A 135 26.12 -11.85 2.46
C THR A 135 26.07 -11.48 3.95
N VAL A 136 27.24 -11.19 4.51
CA VAL A 136 27.35 -10.73 5.88
C VAL A 136 28.09 -9.42 5.69
N TRP A 137 27.41 -8.32 6.00
CA TRP A 137 27.97 -6.98 5.83
C TRP A 137 28.81 -6.47 6.99
N TYR A 138 29.67 -5.52 6.67
CA TYR A 138 30.54 -4.86 7.65
C TYR A 138 30.47 -3.36 7.40
N GLN A 139 29.97 -2.59 8.36
CA GLN A 139 29.85 -1.14 8.18
C GLN A 139 31.08 -0.39 8.66
N ILE A 140 31.60 0.46 7.77
CA ILE A 140 32.78 1.26 8.08
C ILE A 140 32.50 2.77 8.01
N PHE A 141 32.98 3.48 9.01
CA PHE A 141 32.87 4.95 9.10
C PHE A 141 34.32 5.34 8.74
N PRO A 142 34.59 5.64 7.47
CA PRO A 142 35.92 5.99 6.93
C PRO A 142 36.88 6.87 7.72
N GLU A 143 36.38 7.90 8.39
CA GLU A 143 37.26 8.79 9.15
C GLU A 143 37.89 8.06 10.32
N ARG A 144 37.34 6.90 10.68
CA ARG A 144 37.83 6.16 11.85
C ARG A 144 38.29 4.71 11.68
N PHE A 145 38.44 4.23 10.46
CA PHE A 145 38.86 2.83 10.28
C PHE A 145 40.37 2.65 10.25
N ALA A 146 41.05 3.40 9.37
CA ALA A 146 42.50 3.29 9.28
C ALA A 146 43.10 4.43 8.48
N ASN A 147 44.17 5.03 9.01
CA ASN A 147 44.86 6.12 8.34
C ASN A 147 45.93 5.53 7.43
N GLY A 148 45.53 5.21 6.20
CA GLY A 148 46.45 4.62 5.24
C GLY A 148 47.25 5.63 4.43
N ASN A 149 46.89 6.91 4.52
CA ASN A 149 47.60 7.97 3.82
C ASN A 149 47.64 9.20 4.71
N PRO A 150 48.69 9.33 5.54
CA PRO A 150 48.82 10.47 6.44
C PRO A 150 48.88 11.82 5.73
N SER A 151 49.44 11.85 4.52
CA SER A 151 49.58 13.11 3.78
C SER A 151 48.28 13.81 3.43
N ILE A 152 47.16 13.08 3.44
CA ILE A 152 45.89 13.71 3.10
C ILE A 152 44.97 13.88 4.32
N SER A 153 45.46 13.47 5.49
CA SER A 153 44.68 13.60 6.71
C SER A 153 44.36 15.07 6.97
N PRO A 154 43.18 15.37 7.53
CA PRO A 154 42.80 16.75 7.82
C PRO A 154 43.79 17.38 8.78
N GLU A 155 44.05 18.68 8.63
CA GLU A 155 44.98 19.34 9.53
C GLU A 155 44.29 19.28 10.89
N GLY A 156 45.07 19.17 11.96
CA GLY A 156 44.47 19.10 13.27
C GLY A 156 44.07 17.69 13.66
N SER A 157 44.32 16.72 12.78
CA SER A 157 43.98 15.33 13.08
C SER A 157 44.67 14.91 14.37
N ARG A 158 43.94 14.22 15.23
CA ARG A 158 44.47 13.78 16.51
C ARG A 158 45.17 12.42 16.40
N PRO A 159 46.13 12.14 17.30
CA PRO A 159 46.83 10.85 17.25
C PRO A 159 45.78 9.74 17.29
N TRP A 160 45.99 8.69 16.51
CA TRP A 160 45.05 7.58 16.43
C TRP A 160 44.61 7.04 17.79
N GLY A 161 43.29 7.06 18.02
CA GLY A 161 42.73 6.56 19.27
C GLY A 161 43.29 7.22 20.52
N SER A 162 43.80 8.44 20.39
CA SER A 162 44.37 9.14 21.53
C SER A 162 43.32 9.77 22.45
N GLU A 163 42.10 9.91 21.95
CA GLU A 163 41.01 10.50 22.73
C GLU A 163 39.67 10.15 22.11
N ASP A 164 38.60 10.26 22.90
CA ASP A 164 37.26 9.98 22.41
C ASP A 164 36.92 11.00 21.33
N PRO A 165 36.19 10.58 20.29
CA PRO A 165 35.81 11.50 19.21
C PRO A 165 34.79 12.54 19.65
N THR A 166 34.70 13.63 18.91
CA THR A 166 33.73 14.68 19.20
C THR A 166 33.00 14.94 17.88
N PRO A 167 31.98 15.81 17.90
CA PRO A 167 31.26 16.07 16.65
C PRO A 167 32.13 16.71 15.55
N THR A 168 33.29 17.23 15.92
CA THR A 168 34.15 17.89 14.94
C THR A 168 35.60 17.41 14.84
N SER A 169 35.99 16.43 15.65
CA SER A 169 37.37 15.95 15.60
C SER A 169 37.68 15.06 14.39
N PHE A 170 38.96 15.01 14.03
CA PHE A 170 39.42 14.21 12.91
C PHE A 170 40.62 13.36 13.36
N PHE A 171 40.69 12.13 12.86
CA PHE A 171 41.81 11.25 13.19
C PHE A 171 42.57 10.82 11.93
N GLY A 172 42.07 11.26 10.77
CA GLY A 172 42.75 10.95 9.52
C GLY A 172 42.47 9.64 8.80
N GLY A 173 41.35 8.99 9.12
CA GLY A 173 41.01 7.76 8.44
C GLY A 173 40.80 8.06 6.96
N ASP A 174 41.12 7.10 6.09
CA ASP A 174 40.95 7.32 4.66
C ASP A 174 40.65 6.02 3.92
N LEU A 175 40.38 6.12 2.61
CA LEU A 175 40.07 4.94 1.82
C LEU A 175 41.22 3.96 1.72
N GLN A 176 42.45 4.47 1.61
CA GLN A 176 43.61 3.58 1.52
C GLN A 176 43.68 2.68 2.75
N GLY A 177 43.38 3.25 3.91
CA GLY A 177 43.42 2.48 5.14
C GLY A 177 42.46 1.30 5.10
N ILE A 178 41.35 1.45 4.40
CA ILE A 178 40.39 0.36 4.28
C ILE A 178 41.03 -0.71 3.40
N ILE A 179 41.64 -0.30 2.29
CA ILE A 179 42.29 -1.24 1.40
C ILE A 179 43.34 -2.05 2.18
N ASP A 180 44.12 -1.36 2.98
CA ASP A 180 45.19 -1.97 3.76
C ASP A 180 44.75 -3.03 4.76
N HIS A 181 43.50 -2.96 5.20
CA HIS A 181 43.00 -3.92 6.18
C HIS A 181 41.95 -4.90 5.64
N LEU A 182 41.89 -5.06 4.33
CA LEU A 182 40.90 -5.97 3.74
C LEU A 182 41.10 -7.44 4.14
N ASP A 183 42.35 -7.86 4.31
CA ASP A 183 42.59 -9.25 4.68
C ASP A 183 42.03 -9.58 6.07
N TYR A 184 41.94 -8.56 6.92
CA TYR A 184 41.38 -8.74 8.27
C TYR A 184 39.89 -9.08 8.11
N LEU A 185 39.23 -8.39 7.19
CA LEU A 185 37.80 -8.62 6.94
C LEU A 185 37.57 -9.96 6.26
N VAL A 186 38.44 -10.31 5.32
CA VAL A 186 38.31 -11.59 4.64
C VAL A 186 38.41 -12.71 5.68
N ASP A 187 39.40 -12.62 6.56
CA ASP A 187 39.57 -13.63 7.61
C ASP A 187 38.34 -13.71 8.51
N LEU A 188 37.73 -12.56 8.77
CA LEU A 188 36.54 -12.52 9.60
C LEU A 188 35.39 -13.25 8.92
N GLY A 189 35.35 -13.18 7.59
CA GLY A 189 34.30 -13.84 6.84
C GLY A 189 33.34 -12.87 6.17
N ILE A 190 33.68 -11.59 6.22
CA ILE A 190 32.86 -10.53 5.62
C ILE A 190 32.85 -10.60 4.10
N THR A 191 31.67 -10.44 3.49
CA THR A 191 31.57 -10.46 2.02
C THR A 191 30.86 -9.22 1.49
N GLY A 192 30.64 -8.25 2.37
CA GLY A 192 29.99 -7.02 1.98
C GLY A 192 30.42 -5.85 2.87
N ILE A 193 30.72 -4.71 2.27
CA ILE A 193 31.11 -3.55 3.04
C ILE A 193 30.20 -2.37 2.76
N TYR A 194 29.71 -1.76 3.83
CA TYR A 194 28.85 -0.59 3.70
C TYR A 194 29.61 0.60 4.27
N LEU A 195 29.86 1.58 3.41
CA LEU A 195 30.58 2.79 3.81
C LEU A 195 29.63 3.95 4.01
N THR A 196 29.85 4.71 5.09
CA THR A 196 29.04 5.89 5.34
C THR A 196 29.54 6.87 4.25
N PRO A 197 28.96 8.08 4.15
CA PRO A 197 29.38 9.04 3.12
C PRO A 197 30.88 9.29 2.92
N ILE A 198 31.30 9.32 1.65
CA ILE A 198 32.68 9.56 1.29
C ILE A 198 32.85 10.68 0.25
N PHE A 199 31.78 11.38 -0.09
CA PHE A 199 31.87 12.48 -1.06
C PHE A 199 32.28 13.77 -0.34
N ARG A 200 32.85 14.72 -1.08
CA ARG A 200 33.32 15.96 -0.44
C ARG A 200 32.33 16.64 0.49
N SER A 201 32.82 16.92 1.69
CA SER A 201 32.05 17.55 2.75
C SER A 201 33.05 18.00 3.80
N PRO A 202 32.79 19.13 4.47
CA PRO A 202 33.72 19.62 5.50
C PRO A 202 33.72 18.87 6.82
N SER A 203 32.67 18.10 7.10
CA SER A 203 32.58 17.40 8.38
C SER A 203 33.30 16.04 8.45
N ASN A 204 33.32 15.46 9.65
CA ASN A 204 33.97 14.17 9.84
C ASN A 204 33.02 13.02 9.49
N HIS A 205 31.73 13.32 9.38
CA HIS A 205 30.72 12.30 9.04
C HIS A 205 30.30 12.43 7.59
N LYS A 206 30.38 13.65 7.09
CA LYS A 206 30.07 13.98 5.69
C LYS A 206 28.63 13.77 5.20
N TYR A 207 27.67 14.00 6.09
CA TYR A 207 26.26 13.90 5.72
C TYR A 207 25.78 15.28 5.24
N ASP A 208 26.66 16.27 5.29
CA ASP A 208 26.35 17.62 4.80
C ASP A 208 27.24 17.79 3.56
N THR A 209 26.74 17.23 2.46
CA THR A 209 27.42 17.17 1.17
C THR A 209 27.70 18.46 0.41
N ALA A 210 28.94 18.61 -0.04
CA ALA A 210 29.37 19.78 -0.80
C ALA A 210 29.37 19.43 -2.29
N ASP A 211 29.81 18.22 -2.63
CA ASP A 211 29.84 17.79 -4.03
C ASP A 211 29.66 16.28 -4.17
N TYR A 212 28.51 15.86 -4.70
CA TYR A 212 28.22 14.44 -4.87
C TYR A 212 29.01 13.75 -5.96
N PHE A 213 29.74 14.52 -6.76
CA PHE A 213 30.53 13.93 -7.84
C PHE A 213 32.03 13.86 -7.52
N GLU A 214 32.39 14.14 -6.27
CA GLU A 214 33.80 14.10 -5.89
C GLU A 214 34.05 13.37 -4.58
N VAL A 215 35.08 12.51 -4.57
CA VAL A 215 35.45 11.79 -3.35
C VAL A 215 36.09 12.85 -2.46
N ASP A 216 35.80 12.83 -1.16
CA ASP A 216 36.41 13.84 -0.29
C ASP A 216 37.92 13.70 -0.37
N PRO A 217 38.63 14.79 -0.66
CA PRO A 217 40.10 14.76 -0.78
C PRO A 217 40.83 14.16 0.42
N HIS A 218 40.20 14.22 1.59
CA HIS A 218 40.81 13.69 2.80
C HIS A 218 40.65 12.18 2.88
N PHE A 219 39.74 11.62 2.07
CA PHE A 219 39.52 10.19 2.06
C PHE A 219 40.29 9.58 0.89
N GLY A 220 40.55 10.40 -0.13
CA GLY A 220 41.28 9.92 -1.29
C GLY A 220 40.80 10.59 -2.56
N ASP A 221 41.02 9.92 -3.69
CA ASP A 221 40.58 10.43 -4.98
C ASP A 221 39.81 9.31 -5.68
N LYS A 222 39.31 9.59 -6.87
CA LYS A 222 38.55 8.58 -7.60
C LYS A 222 39.38 7.35 -7.94
N GLU A 223 40.67 7.54 -8.21
CA GLU A 223 41.55 6.43 -8.53
C GLU A 223 41.63 5.47 -7.35
N THR A 224 41.77 6.04 -6.15
CA THR A 224 41.86 5.24 -4.94
C THR A 224 40.55 4.50 -4.64
N LEU A 225 39.43 5.18 -4.84
CA LEU A 225 38.12 4.54 -4.60
C LEU A 225 37.96 3.36 -5.55
N LYS A 226 38.39 3.55 -6.79
CA LYS A 226 38.28 2.50 -7.78
C LYS A 226 39.14 1.31 -7.35
N THR A 227 40.35 1.59 -6.89
CA THR A 227 41.24 0.51 -6.45
C THR A 227 40.61 -0.24 -5.28
N LEU A 228 39.99 0.50 -4.35
CA LEU A 228 39.35 -0.14 -3.20
C LEU A 228 38.26 -1.10 -3.66
N ILE A 229 37.38 -0.62 -4.53
CA ILE A 229 36.28 -1.44 -5.05
C ILE A 229 36.82 -2.65 -5.80
N ASP A 230 37.82 -2.43 -6.66
CA ASP A 230 38.41 -3.52 -7.41
C ASP A 230 39.04 -4.57 -6.52
N ARG A 231 39.71 -4.12 -5.46
CA ARG A 231 40.36 -5.03 -4.53
C ARG A 231 39.32 -5.84 -3.74
N CYS A 232 38.22 -5.19 -3.35
CA CYS A 232 37.17 -5.88 -2.64
C CYS A 232 36.59 -6.95 -3.56
N HIS A 233 36.32 -6.58 -4.81
CA HIS A 233 35.78 -7.53 -5.78
C HIS A 233 36.70 -8.73 -5.93
N GLU A 234 38.01 -8.49 -6.05
CA GLU A 234 38.96 -9.59 -6.19
C GLU A 234 38.84 -10.56 -5.01
N LYS A 235 38.59 -10.00 -3.83
CA LYS A 235 38.48 -10.80 -2.61
C LYS A 235 37.06 -11.27 -2.29
N GLY A 236 36.13 -11.06 -3.22
CA GLY A 236 34.76 -11.50 -3.00
C GLY A 236 33.90 -10.62 -2.12
N ILE A 237 34.26 -9.35 -2.02
CA ILE A 237 33.50 -8.41 -1.19
C ILE A 237 32.76 -7.40 -2.06
N ARG A 238 31.47 -7.24 -1.81
CA ARG A 238 30.66 -6.27 -2.57
C ARG A 238 30.72 -4.95 -1.80
N VAL A 239 30.60 -3.84 -2.51
CA VAL A 239 30.68 -2.53 -1.88
C VAL A 239 29.42 -1.68 -2.04
N MET A 240 28.93 -1.14 -0.93
CA MET A 240 27.75 -0.29 -0.92
C MET A 240 28.10 1.09 -0.38
N LEU A 241 27.72 2.13 -1.11
CA LEU A 241 28.00 3.51 -0.71
C LEU A 241 26.75 4.16 -0.09
N ASP A 242 26.97 5.28 0.58
CA ASP A 242 25.88 6.01 1.25
C ASP A 242 25.40 7.19 0.39
N ALA A 243 24.11 7.17 0.05
CA ALA A 243 23.49 8.21 -0.76
C ALA A 243 22.71 9.16 0.15
N VAL A 244 23.19 10.39 0.27
CA VAL A 244 22.54 11.39 1.11
C VAL A 244 21.74 12.31 0.20
N PHE A 245 20.62 11.79 -0.31
CA PHE A 245 19.78 12.53 -1.24
C PHE A 245 18.68 13.38 -0.63
N ASN A 246 18.44 13.23 0.67
CA ASN A 246 17.37 13.99 1.33
C ASN A 246 17.73 15.47 1.47
N HIS A 247 19.01 15.73 1.75
CA HIS A 247 19.50 17.08 1.94
C HIS A 247 20.94 17.19 1.48
N CYS A 248 21.38 18.41 1.20
CA CYS A 248 22.74 18.65 0.77
C CYS A 248 23.41 19.37 1.94
N GLY A 249 24.63 19.84 1.70
CA GLY A 249 25.37 20.55 2.73
C GLY A 249 25.34 22.04 2.44
N TYR A 250 25.76 22.83 3.43
CA TYR A 250 25.79 24.28 3.29
C TYR A 250 26.66 24.73 2.13
N GLU A 251 27.69 23.96 1.82
CA GLU A 251 28.62 24.31 0.75
C GLU A 251 28.29 23.75 -0.64
N PHE A 252 27.10 23.17 -0.78
CA PHE A 252 26.68 22.63 -2.07
C PHE A 252 26.50 23.85 -2.98
N ALA A 253 27.13 23.81 -4.16
CA ALA A 253 27.08 24.94 -5.09
C ALA A 253 25.70 25.56 -5.32
N PRO A 254 24.70 24.73 -5.70
CA PRO A 254 23.38 25.32 -5.92
C PRO A 254 22.82 26.05 -4.70
N PHE A 255 23.08 25.51 -3.50
CA PHE A 255 22.58 26.15 -2.30
C PHE A 255 23.31 27.47 -2.04
N GLN A 256 24.61 27.49 -2.27
CA GLN A 256 25.40 28.71 -2.07
C GLN A 256 24.82 29.83 -2.93
N ASP A 257 24.45 29.50 -4.16
CA ASP A 257 23.91 30.49 -5.08
C ASP A 257 22.59 31.07 -4.54
N VAL A 258 21.73 30.19 -4.05
CA VAL A 258 20.45 30.61 -3.50
C VAL A 258 20.66 31.42 -2.22
N TRP A 259 21.66 31.03 -1.43
CA TRP A 259 21.93 31.75 -0.19
C TRP A 259 22.33 33.19 -0.48
N LYS A 260 23.02 33.39 -1.59
CA LYS A 260 23.49 34.73 -1.95
C LYS A 260 22.50 35.52 -2.80
N ASN A 261 21.87 34.87 -3.76
CA ASN A 261 20.96 35.57 -4.67
C ASN A 261 19.46 35.37 -4.43
N GLY A 262 19.12 34.66 -3.36
CA GLY A 262 17.73 34.44 -3.03
C GLY A 262 16.78 34.03 -4.14
N GLU A 263 15.61 34.68 -4.17
CA GLU A 263 14.58 34.36 -5.14
C GLU A 263 14.94 34.51 -6.61
N SER A 264 16.05 35.17 -6.91
CA SER A 264 16.45 35.34 -8.30
C SER A 264 17.44 34.25 -8.73
N SER A 265 17.81 33.37 -7.81
CA SER A 265 18.73 32.29 -8.13
C SER A 265 18.02 31.25 -8.99
N LYS A 266 18.70 30.70 -9.98
CA LYS A 266 18.08 29.71 -10.83
C LYS A 266 17.99 28.34 -10.14
N TYR A 267 18.52 28.28 -8.91
CA TYR A 267 18.50 27.04 -8.15
C TYR A 267 17.54 27.08 -6.97
N LYS A 268 16.74 28.15 -6.89
CA LYS A 268 15.80 28.31 -5.78
C LYS A 268 14.80 27.16 -5.62
N ASP A 269 14.34 26.57 -6.73
CA ASP A 269 13.37 25.49 -6.62
C ASP A 269 14.00 24.14 -6.29
N TRP A 270 15.31 24.11 -6.14
CA TRP A 270 16.05 22.89 -5.80
C TRP A 270 15.88 22.61 -4.30
N PHE A 271 15.24 23.55 -3.59
CA PHE A 271 15.06 23.44 -2.15
C PHE A 271 13.62 23.70 -1.70
N HIS A 272 13.41 23.67 -0.38
CA HIS A 272 12.11 23.90 0.23
C HIS A 272 12.17 25.23 0.99
N ILE A 273 12.15 26.33 0.24
CA ILE A 273 12.24 27.65 0.85
C ILE A 273 10.88 28.28 1.13
N HIS A 274 10.69 28.75 2.37
CA HIS A 274 9.44 29.36 2.79
C HIS A 274 9.39 30.86 2.60
N GLU A 275 10.55 31.51 2.65
CA GLU A 275 10.61 32.95 2.47
C GLU A 275 12.01 33.37 2.06
N PHE A 276 12.10 34.48 1.34
CA PHE A 276 13.37 35.02 0.88
C PHE A 276 13.62 36.39 1.53
N PRO A 277 14.88 36.72 1.84
CA PRO A 277 16.08 35.90 1.61
C PRO A 277 16.24 34.82 2.67
N LEU A 278 17.06 33.82 2.37
CA LEU A 278 17.29 32.73 3.31
C LEU A 278 17.95 33.24 4.57
N GLN A 279 17.70 32.55 5.68
CA GLN A 279 18.29 32.91 6.96
C GLN A 279 18.35 31.68 7.86
N THR A 280 19.21 31.75 8.87
CA THR A 280 19.36 30.64 9.82
C THR A 280 18.91 31.11 11.20
N GLU A 281 18.70 32.41 11.35
CA GLU A 281 18.27 33.00 12.60
C GLU A 281 16.99 33.81 12.42
N PRO A 282 16.06 33.73 13.38
CA PRO A 282 16.14 32.93 14.61
C PRO A 282 16.14 31.43 14.33
N ARG A 283 15.58 31.07 13.17
CA ARG A 283 15.50 29.68 12.74
C ARG A 283 15.54 29.69 11.21
N PRO A 284 15.84 28.54 10.59
CA PRO A 284 15.88 28.52 9.13
C PRO A 284 14.49 28.71 8.52
N ASN A 285 14.42 29.47 7.43
CA ASN A 285 13.15 29.68 6.75
C ASN A 285 13.04 28.72 5.56
N TYR A 286 13.72 27.59 5.68
CA TYR A 286 13.72 26.54 4.66
C TYR A 286 13.77 25.20 5.39
N ASP A 287 13.20 24.16 4.77
CA ASP A 287 13.20 22.83 5.38
C ASP A 287 14.63 22.29 5.43
N THR A 288 14.93 21.57 6.51
CA THR A 288 16.26 21.00 6.69
C THR A 288 16.16 19.59 7.27
N PHE A 289 17.28 18.88 7.28
CA PHE A 289 17.27 17.57 7.92
C PHE A 289 17.10 18.00 9.38
N ALA A 290 16.22 17.32 10.11
CA ALA A 290 15.99 17.66 11.52
C ALA A 290 15.87 19.18 11.63
N PHE A 291 16.65 19.77 12.53
CA PHE A 291 16.67 21.22 12.70
C PHE A 291 18.10 21.73 12.51
N VAL A 292 18.79 21.15 11.53
CA VAL A 292 20.18 21.51 11.24
C VAL A 292 20.26 22.46 10.04
N PRO A 293 20.56 23.74 10.29
CA PRO A 293 20.66 24.76 9.24
C PRO A 293 21.60 24.41 8.10
N GLN A 294 22.71 23.74 8.41
CA GLN A 294 23.68 23.38 7.38
C GLN A 294 23.26 22.20 6.51
N MET A 295 22.04 21.70 6.72
CA MET A 295 21.55 20.57 5.93
C MET A 295 20.20 20.87 5.27
N PRO A 296 20.20 21.73 4.25
CA PRO A 296 19.00 22.12 3.50
C PRO A 296 18.35 20.92 2.81
N LYS A 297 17.02 20.81 2.94
CA LYS A 297 16.30 19.71 2.31
C LYS A 297 16.22 19.93 0.79
N LEU A 298 16.52 18.89 0.03
CA LEU A 298 16.47 18.97 -1.42
C LEU A 298 15.05 18.72 -1.90
N ASN A 299 14.68 19.39 -2.99
CA ASN A 299 13.36 19.21 -3.57
C ASN A 299 13.45 18.15 -4.66
N THR A 300 13.24 16.89 -4.27
CA THR A 300 13.33 15.78 -5.22
C THR A 300 12.16 15.72 -6.19
N ALA A 301 11.29 16.73 -6.15
CA ALA A 301 10.16 16.79 -7.06
C ALA A 301 10.56 17.69 -8.22
N ASN A 302 11.62 18.47 -8.02
CA ASN A 302 12.13 19.37 -9.06
C ASN A 302 12.83 18.53 -10.14
N PRO A 303 12.45 18.74 -11.41
CA PRO A 303 13.04 18.00 -12.53
C PRO A 303 14.57 18.02 -12.58
N GLU A 304 15.16 19.18 -12.33
CA GLU A 304 16.61 19.33 -12.36
C GLU A 304 17.26 18.59 -11.19
N VAL A 305 16.61 18.61 -10.03
CA VAL A 305 17.16 17.91 -8.87
C VAL A 305 17.15 16.41 -9.15
N LYS A 306 16.01 15.90 -9.61
CA LYS A 306 15.89 14.48 -9.91
C LYS A 306 16.94 14.04 -10.91
N ARG A 307 17.13 14.85 -11.94
CA ARG A 307 18.11 14.54 -12.98
C ARG A 307 19.50 14.46 -12.38
N TYR A 308 19.83 15.42 -11.52
CA TYR A 308 21.14 15.46 -10.89
C TYR A 308 21.39 14.24 -10.00
N LEU A 309 20.46 13.96 -9.09
CA LEU A 309 20.61 12.83 -8.17
C LEU A 309 20.60 11.48 -8.89
N LEU A 310 19.79 11.37 -9.94
CA LEU A 310 19.75 10.12 -10.70
C LEU A 310 21.06 9.96 -11.45
N ASP A 311 21.64 11.08 -11.87
CA ASP A 311 22.92 11.02 -12.58
C ASP A 311 23.97 10.57 -11.58
N VAL A 312 23.90 11.14 -10.37
CA VAL A 312 24.85 10.76 -9.33
C VAL A 312 24.71 9.28 -9.03
N ALA A 313 23.47 8.82 -8.87
CA ALA A 313 23.19 7.42 -8.56
C ALA A 313 23.77 6.45 -9.58
N THR A 314 23.60 6.75 -10.86
CA THR A 314 24.09 5.87 -11.92
C THR A 314 25.58 6.05 -12.21
N TYR A 315 26.09 7.26 -11.99
CA TYR A 315 27.50 7.55 -12.23
C TYR A 315 28.42 6.63 -11.44
N TRP A 316 28.26 6.59 -10.13
CA TRP A 316 29.11 5.76 -9.29
C TRP A 316 28.97 4.27 -9.62
N ILE A 317 27.80 3.85 -10.06
CA ILE A 317 27.60 2.46 -10.44
C ILE A 317 28.33 2.17 -11.76
N ARG A 318 28.04 2.98 -12.77
CA ARG A 318 28.64 2.80 -14.09
C ARG A 318 30.17 2.94 -14.10
N GLU A 319 30.66 4.02 -13.52
CA GLU A 319 32.10 4.29 -13.51
C GLU A 319 32.94 3.61 -12.43
N PHE A 320 32.32 3.18 -11.34
CA PHE A 320 33.09 2.54 -10.28
C PHE A 320 32.61 1.15 -9.91
N ASP A 321 31.50 0.74 -10.50
CA ASP A 321 30.95 -0.60 -10.29
C ASP A 321 30.56 -0.93 -8.86
N ILE A 322 30.01 0.03 -8.11
CA ILE A 322 29.60 -0.26 -6.75
C ILE A 322 28.47 -1.27 -6.80
N ASP A 323 28.19 -1.92 -5.68
CA ASP A 323 27.16 -2.97 -5.61
C ASP A 323 25.91 -2.62 -4.83
N GLY A 324 25.85 -1.41 -4.30
CA GLY A 324 24.66 -1.04 -3.54
C GLY A 324 24.65 0.40 -3.11
N TRP A 325 23.45 0.89 -2.85
CA TRP A 325 23.24 2.26 -2.39
C TRP A 325 22.43 2.19 -1.10
N ARG A 326 22.99 2.75 -0.03
CA ARG A 326 22.29 2.80 1.25
C ARG A 326 21.71 4.21 1.23
N LEU A 327 20.39 4.31 1.34
CA LEU A 327 19.71 5.60 1.25
C LEU A 327 19.47 6.30 2.59
N ASP A 328 20.22 7.37 2.82
CA ASP A 328 20.12 8.15 4.05
C ASP A 328 18.74 8.81 4.20
N VAL A 329 18.15 8.71 5.39
CA VAL A 329 16.85 9.31 5.68
C VAL A 329 15.89 9.08 4.51
N ALA A 330 15.91 7.86 3.96
CA ALA A 330 15.09 7.50 2.82
C ALA A 330 13.59 7.75 2.93
N ASN A 331 13.04 7.59 4.14
CA ASN A 331 11.61 7.79 4.34
C ASN A 331 11.12 9.23 4.18
N GLU A 332 12.04 10.19 4.14
CA GLU A 332 11.64 11.59 4.00
C GLU A 332 11.69 12.10 2.57
N ILE A 333 12.05 11.22 1.64
CA ILE A 333 12.11 11.54 0.21
C ILE A 333 10.87 10.89 -0.42
N ASP A 334 10.19 11.59 -1.32
CA ASP A 334 8.97 11.06 -1.93
C ASP A 334 9.08 9.73 -2.69
N HIS A 335 7.95 9.03 -2.76
CA HIS A 335 7.86 7.74 -3.42
C HIS A 335 8.08 7.85 -4.92
N GLU A 336 7.59 8.93 -5.53
CA GLU A 336 7.75 9.10 -6.97
C GLU A 336 9.23 9.06 -7.32
N PHE A 337 10.05 9.78 -6.57
CA PHE A 337 11.48 9.80 -6.84
C PHE A 337 12.09 8.41 -6.68
N TRP A 338 11.72 7.71 -5.61
CA TRP A 338 12.28 6.38 -5.38
C TRP A 338 11.93 5.38 -6.47
N ARG A 339 10.77 5.55 -7.11
CA ARG A 339 10.39 4.65 -8.19
C ARG A 339 11.31 4.86 -9.39
N GLU A 340 11.59 6.12 -9.70
CA GLU A 340 12.48 6.42 -10.84
C GLU A 340 13.89 5.97 -10.52
N PHE A 341 14.28 6.15 -9.26
CA PHE A 341 15.60 5.77 -8.78
C PHE A 341 15.78 4.28 -9.04
N ARG A 342 14.81 3.47 -8.64
CA ARG A 342 14.91 2.03 -8.85
C ARG A 342 14.98 1.69 -10.33
N GLN A 343 14.11 2.30 -11.13
CA GLN A 343 14.09 2.01 -12.56
C GLN A 343 15.45 2.23 -13.22
N GLU A 344 16.07 3.37 -12.94
CA GLU A 344 17.37 3.66 -13.54
C GLU A 344 18.50 2.83 -12.98
N VAL A 345 18.49 2.61 -11.67
CA VAL A 345 19.55 1.82 -11.04
C VAL A 345 19.49 0.36 -11.53
N LYS A 346 18.32 -0.24 -11.43
CA LYS A 346 18.13 -1.63 -11.83
C LYS A 346 18.33 -1.86 -13.34
N ALA A 347 18.05 -0.84 -14.14
CA ALA A 347 18.23 -0.97 -15.59
C ALA A 347 19.72 -1.05 -15.88
N LEU A 348 20.50 -0.29 -15.14
CA LEU A 348 21.95 -0.25 -15.31
C LEU A 348 22.61 -1.52 -14.76
N LYS A 349 22.32 -1.84 -13.50
CA LYS A 349 22.89 -3.02 -12.85
C LYS A 349 21.87 -3.63 -11.89
N PRO A 350 21.13 -4.65 -12.36
CA PRO A 350 20.10 -5.33 -11.56
C PRO A 350 20.61 -5.83 -10.21
N ASP A 351 21.91 -6.10 -10.12
CA ASP A 351 22.50 -6.60 -8.89
C ASP A 351 22.66 -5.58 -7.77
N VAL A 352 22.51 -4.30 -8.08
CA VAL A 352 22.66 -3.27 -7.06
C VAL A 352 21.59 -3.37 -5.98
N TYR A 353 22.05 -3.48 -4.73
CA TYR A 353 21.19 -3.59 -3.56
C TYR A 353 20.71 -2.19 -3.15
N ILE A 354 19.39 -1.99 -3.11
CA ILE A 354 18.83 -0.71 -2.73
C ILE A 354 18.30 -0.81 -1.30
N LEU A 355 19.08 -0.25 -0.37
CA LEU A 355 18.78 -0.31 1.06
C LEU A 355 18.37 1.05 1.64
N GLY A 356 17.15 1.15 2.16
CA GLY A 356 16.72 2.43 2.70
C GLY A 356 16.89 2.56 4.20
N GLU A 357 17.33 3.73 4.65
CA GLU A 357 17.44 3.94 6.08
C GLU A 357 16.08 4.40 6.58
N ILE A 358 15.35 3.49 7.21
CA ILE A 358 14.04 3.77 7.77
C ILE A 358 14.02 2.95 9.06
N TRP A 359 13.86 3.63 10.19
CA TRP A 359 13.86 2.96 11.49
C TRP A 359 12.52 2.39 11.92
N HIS A 360 11.47 2.75 11.20
CA HIS A 360 10.13 2.27 11.52
C HIS A 360 9.56 1.33 10.46
N ASP A 361 8.31 0.94 10.64
CA ASP A 361 7.61 0.06 9.71
C ASP A 361 7.83 0.66 8.33
N ALA A 362 8.32 -0.14 7.38
CA ALA A 362 8.60 0.40 6.05
C ALA A 362 7.87 -0.26 4.89
N MET A 363 6.73 -0.87 5.17
CA MET A 363 5.98 -1.54 4.12
C MET A 363 5.74 -0.73 2.85
N PRO A 364 5.38 0.56 2.98
CA PRO A 364 5.13 1.36 1.78
C PRO A 364 6.31 1.45 0.79
N TRP A 365 7.52 1.24 1.30
CA TRP A 365 8.73 1.29 0.47
C TRP A 365 9.21 -0.10 0.08
N LEU A 366 8.49 -1.13 0.52
CA LEU A 366 8.90 -2.50 0.24
C LEU A 366 7.88 -3.31 -0.57
N ARG A 367 7.19 -2.64 -1.49
CA ARG A 367 6.19 -3.32 -2.31
C ARG A 367 6.76 -3.86 -3.62
N GLY A 368 8.04 -3.61 -3.87
CA GLY A 368 8.68 -4.11 -5.07
C GLY A 368 9.04 -3.06 -6.10
N ASP A 369 8.46 -1.88 -5.96
CA ASP A 369 8.70 -0.77 -6.89
C ASP A 369 9.75 0.22 -6.37
N GLN A 370 10.21 0.03 -5.15
CA GLN A 370 11.19 0.97 -4.59
C GLN A 370 12.44 0.33 -3.99
N PHE A 371 12.46 0.03 -2.70
CA PHE A 371 13.67 -0.56 -2.10
C PHE A 371 13.69 -2.08 -2.07
N ASP A 372 14.90 -2.63 -1.89
CA ASP A 372 15.07 -4.08 -1.77
C ASP A 372 14.99 -4.41 -0.29
N ALA A 373 15.25 -3.42 0.55
CA ALA A 373 15.23 -3.62 1.99
C ALA A 373 15.46 -2.33 2.74
N VAL A 374 15.34 -2.40 4.07
CA VAL A 374 15.60 -1.25 4.91
C VAL A 374 16.49 -1.70 6.06
N MET A 375 17.18 -0.74 6.68
CA MET A 375 18.02 -1.07 7.83
C MET A 375 16.99 -1.47 8.87
N ASN A 376 17.06 -2.73 9.31
CA ASN A 376 16.09 -3.29 10.25
C ASN A 376 16.25 -2.88 11.71
N TYR A 377 16.06 -1.60 12.01
CA TYR A 377 16.18 -1.12 13.37
C TYR A 377 15.13 -1.69 14.34
N PRO A 378 13.96 -2.12 13.83
CA PRO A 378 12.98 -2.68 14.78
C PRO A 378 13.51 -4.00 15.33
N PHE A 379 14.29 -4.70 14.51
CA PHE A 379 14.91 -5.96 14.90
C PHE A 379 15.96 -5.61 15.96
N THR A 380 16.72 -4.55 15.71
CA THR A 380 17.74 -4.10 16.64
C THR A 380 17.11 -3.85 18.02
N ASP A 381 16.02 -3.09 18.03
CA ASP A 381 15.31 -2.76 19.25
C ASP A 381 14.93 -3.99 20.07
N GLY A 382 14.28 -4.95 19.43
CA GLY A 382 13.86 -6.15 20.12
C GLY A 382 14.98 -7.05 20.62
N VAL A 383 16.00 -7.25 19.80
CA VAL A 383 17.12 -8.10 20.18
C VAL A 383 17.88 -7.48 21.36
N LEU A 384 18.03 -6.16 21.36
CA LEU A 384 18.74 -5.49 22.44
C LEU A 384 17.92 -5.52 23.74
N ARG A 385 16.61 -5.37 23.64
CA ARG A 385 15.78 -5.39 24.84
C ARG A 385 15.84 -6.75 25.55
N PHE A 386 15.97 -7.83 24.77
CA PHE A 386 16.04 -9.16 25.37
C PHE A 386 17.43 -9.56 25.83
N PHE A 387 18.41 -9.50 24.92
CA PHE A 387 19.78 -9.91 25.23
C PHE A 387 20.69 -8.91 25.94
N ALA A 388 20.58 -7.63 25.61
CA ALA A 388 21.46 -6.64 26.20
C ALA A 388 20.96 -6.02 27.49
N LYS A 389 19.71 -5.56 27.49
CA LYS A 389 19.13 -4.93 28.66
C LYS A 389 18.33 -5.91 29.51
N GLU A 390 17.97 -7.04 28.91
CA GLU A 390 17.18 -8.05 29.60
C GLU A 390 15.93 -7.41 30.22
N GLU A 391 15.25 -6.60 29.42
CA GLU A 391 14.04 -5.89 29.83
C GLU A 391 12.77 -6.70 29.57
N ILE A 392 12.84 -7.63 28.62
CA ILE A 392 11.70 -8.47 28.29
C ILE A 392 12.06 -9.93 28.44
N SER A 393 11.03 -10.77 28.61
CA SER A 393 11.21 -12.21 28.77
C SER A 393 11.40 -12.87 27.40
N ALA A 394 11.75 -14.15 27.42
CA ALA A 394 11.94 -14.90 26.19
C ALA A 394 10.60 -14.99 25.45
N ARG A 395 9.53 -15.08 26.23
CA ARG A 395 8.18 -15.15 25.67
C ARG A 395 7.86 -13.87 24.91
N GLN A 396 8.15 -12.73 25.53
CA GLN A 396 7.91 -11.42 24.93
C GLN A 396 8.82 -11.17 23.73
N PHE A 397 10.04 -11.71 23.78
CA PHE A 397 10.97 -11.52 22.68
C PHE A 397 10.48 -12.29 21.45
N ALA A 398 10.04 -13.53 21.67
CA ALA A 398 9.53 -14.34 20.58
C ALA A 398 8.32 -13.66 19.95
N ASN A 399 7.44 -13.10 20.79
CA ASN A 399 6.27 -12.40 20.30
C ASN A 399 6.63 -11.21 19.42
N GLN A 400 7.63 -10.43 19.86
CA GLN A 400 8.06 -9.25 19.12
C GLN A 400 8.72 -9.64 17.80
N MET A 401 9.50 -10.71 17.80
CA MET A 401 10.15 -11.18 16.59
C MET A 401 9.06 -11.68 15.62
N MET A 402 8.08 -12.38 16.15
CA MET A 402 6.98 -12.88 15.32
C MET A 402 6.14 -11.71 14.81
N HIS A 403 5.99 -10.70 15.64
CA HIS A 403 5.22 -9.52 15.25
C HIS A 403 5.87 -8.81 14.06
N VAL A 404 7.15 -8.47 14.17
CA VAL A 404 7.83 -7.76 13.09
C VAL A 404 8.01 -8.58 11.81
N LEU A 405 8.28 -9.87 11.94
CA LEU A 405 8.45 -10.72 10.77
C LEU A 405 7.15 -10.87 9.99
N HIS A 406 6.04 -11.10 10.68
CA HIS A 406 4.76 -11.26 10.00
C HIS A 406 4.18 -9.96 9.46
N SER A 407 4.82 -8.84 9.78
CA SER A 407 4.35 -7.55 9.29
C SER A 407 4.79 -7.35 7.84
N TYR A 408 5.62 -8.25 7.34
CA TYR A 408 6.13 -8.17 5.97
C TYR A 408 5.98 -9.48 5.21
N PRO A 409 6.04 -9.40 3.87
CA PRO A 409 5.94 -10.59 3.01
C PRO A 409 7.23 -11.39 3.21
N ASN A 410 7.17 -12.70 3.02
CA ASN A 410 8.34 -13.57 3.18
C ASN A 410 9.53 -13.13 2.35
N ASN A 411 9.33 -12.83 1.07
CA ASN A 411 10.46 -12.45 0.25
C ASN A 411 11.09 -11.14 0.71
N VAL A 412 10.33 -10.30 1.38
CA VAL A 412 10.87 -9.06 1.91
C VAL A 412 11.80 -9.42 3.08
N ASN A 413 11.34 -10.29 3.97
CA ASN A 413 12.16 -10.69 5.11
C ASN A 413 13.44 -11.40 4.69
N GLU A 414 13.41 -12.09 3.55
CA GLU A 414 14.59 -12.81 3.08
C GLU A 414 15.74 -11.89 2.72
N ALA A 415 15.44 -10.62 2.42
CA ALA A 415 16.48 -9.66 2.05
C ALA A 415 16.74 -8.57 3.10
N ALA A 416 16.11 -8.69 4.27
CA ALA A 416 16.26 -7.70 5.34
C ALA A 416 17.69 -7.51 5.85
N PHE A 417 18.03 -6.25 6.10
CA PHE A 417 19.36 -5.85 6.59
C PHE A 417 19.29 -5.85 8.12
N ASN A 418 19.59 -6.98 8.74
CA ASN A 418 19.51 -7.10 10.19
C ASN A 418 20.79 -6.68 10.92
N LEU A 419 20.75 -5.52 11.56
CA LEU A 419 21.90 -5.01 12.29
C LEU A 419 21.65 -4.97 13.80
N LEU A 420 22.71 -4.75 14.56
CA LEU A 420 22.63 -4.70 16.03
C LEU A 420 23.03 -3.32 16.53
N GLY A 421 23.69 -2.56 15.66
CA GLY A 421 24.13 -1.23 16.02
C GLY A 421 24.72 -0.58 14.79
N SER A 422 25.06 0.70 14.90
CA SER A 422 25.62 1.44 13.77
C SER A 422 26.29 2.71 14.27
N HIS A 423 26.59 3.61 13.33
CA HIS A 423 27.21 4.87 13.69
C HIS A 423 26.18 5.80 14.32
N ASP A 424 24.92 5.37 14.31
CA ASP A 424 23.83 6.15 14.89
C ASP A 424 23.26 5.57 16.17
N THR A 425 23.97 4.59 16.75
CA THR A 425 23.51 3.97 18.00
C THR A 425 24.69 3.77 18.94
N SER A 426 24.40 3.47 20.20
CA SER A 426 25.46 3.21 21.16
C SER A 426 26.04 1.86 20.76
N ARG A 427 27.25 1.58 21.23
CA ARG A 427 27.95 0.32 20.96
C ARG A 427 27.22 -0.81 21.69
N ILE A 428 27.01 -1.95 21.03
CA ILE A 428 26.31 -3.06 21.68
C ILE A 428 26.96 -3.51 22.99
N LEU A 429 28.28 -3.48 23.06
CA LEU A 429 28.95 -3.90 24.31
C LEU A 429 28.55 -2.95 25.43
N THR A 430 28.40 -1.68 25.09
CA THR A 430 28.00 -0.67 26.07
C THR A 430 26.52 -0.81 26.43
N VAL A 431 25.69 -1.12 25.46
CA VAL A 431 24.26 -1.29 25.73
C VAL A 431 24.14 -2.49 26.67
N CYS A 432 25.09 -3.41 26.52
CA CYS A 432 25.15 -4.61 27.33
C CYS A 432 25.83 -4.38 28.68
N GLY A 433 26.12 -3.12 28.98
CA GLY A 433 26.77 -2.79 30.24
C GLY A 433 28.14 -3.42 30.39
N GLY A 434 28.80 -3.69 29.27
CA GLY A 434 30.14 -4.27 29.29
C GLY A 434 30.23 -5.77 29.49
N ASP A 435 29.10 -6.47 29.46
CA ASP A 435 29.10 -7.92 29.64
C ASP A 435 29.27 -8.64 28.31
N ILE A 436 30.47 -9.15 28.06
CA ILE A 436 30.78 -9.86 26.82
C ILE A 436 29.85 -11.05 26.58
N ARG A 437 29.40 -11.69 27.66
CA ARG A 437 28.52 -12.85 27.54
C ARG A 437 27.22 -12.50 26.80
N LYS A 438 26.70 -11.31 27.05
CA LYS A 438 25.48 -10.87 26.41
C LYS A 438 25.72 -10.52 24.95
N VAL A 439 26.86 -9.89 24.66
CA VAL A 439 27.20 -9.53 23.29
C VAL A 439 27.32 -10.81 22.45
N LYS A 440 27.86 -11.86 23.05
CA LYS A 440 28.00 -13.13 22.33
C LYS A 440 26.62 -13.63 21.92
N LEU A 441 25.64 -13.45 22.79
CA LEU A 441 24.28 -13.89 22.48
C LEU A 441 23.68 -13.06 21.35
N LEU A 442 23.98 -11.76 21.34
CA LEU A 442 23.46 -10.89 20.29
C LEU A 442 23.95 -11.38 18.94
N PHE A 443 25.25 -11.63 18.83
CA PHE A 443 25.82 -12.13 17.58
C PHE A 443 25.26 -13.50 17.19
N LEU A 444 25.06 -14.36 18.17
CA LEU A 444 24.51 -15.68 17.90
C LEU A 444 23.13 -15.56 17.25
N PHE A 445 22.28 -14.73 17.82
CA PHE A 445 20.94 -14.57 17.27
C PHE A 445 21.00 -13.96 15.89
N GLN A 446 21.72 -12.86 15.76
CA GLN A 446 21.85 -12.16 14.49
C GLN A 446 22.32 -13.09 13.38
N LEU A 447 23.41 -13.80 13.66
CA LEU A 447 24.01 -14.69 12.67
C LEU A 447 23.31 -16.00 12.37
N THR A 448 22.21 -16.29 13.07
CA THR A 448 21.42 -17.50 12.82
C THR A 448 20.04 -17.07 12.31
N PHE A 449 19.86 -15.75 12.14
CA PHE A 449 18.60 -15.16 11.68
C PHE A 449 18.63 -14.97 10.16
N THR A 450 17.49 -15.23 9.51
CA THR A 450 17.40 -15.10 8.07
C THR A 450 17.49 -13.64 7.59
N GLY A 451 18.23 -13.42 6.50
CA GLY A 451 18.38 -12.08 5.98
C GLY A 451 19.81 -11.75 5.59
N SER A 452 20.14 -10.46 5.59
CA SER A 452 21.46 -9.97 5.25
C SER A 452 21.97 -9.15 6.44
N PRO A 453 22.63 -9.82 7.40
CA PRO A 453 23.14 -9.15 8.60
C PRO A 453 24.32 -8.22 8.34
N CYS A 454 24.44 -7.20 9.19
CA CYS A 454 25.53 -6.24 9.08
C CYS A 454 26.17 -6.02 10.44
N ILE A 455 27.50 -6.05 10.46
CA ILE A 455 28.28 -5.86 11.68
C ILE A 455 28.94 -4.48 11.64
N TYR A 456 28.78 -3.72 12.73
CA TYR A 456 29.36 -2.38 12.82
C TYR A 456 30.83 -2.53 13.21
N TYR A 457 31.72 -1.91 12.44
CA TYR A 457 33.15 -2.02 12.68
C TYR A 457 33.49 -1.89 14.16
N GLY A 458 34.31 -2.83 14.65
CA GLY A 458 34.73 -2.79 16.05
C GLY A 458 33.90 -3.60 17.01
N ASP A 459 32.64 -3.86 16.67
CA ASP A 459 31.80 -4.65 17.56
C ASP A 459 32.31 -6.08 17.67
N GLU A 460 32.99 -6.56 16.64
CA GLU A 460 33.51 -7.92 16.67
C GLU A 460 34.73 -8.07 17.58
N ILE A 461 35.32 -6.94 17.98
CA ILE A 461 36.48 -6.98 18.88
C ILE A 461 36.21 -6.28 20.20
N GLY A 462 34.93 -6.09 20.51
CA GLY A 462 34.55 -5.48 21.77
C GLY A 462 34.83 -4.01 22.01
N MET A 463 34.67 -3.18 20.98
CA MET A 463 34.89 -1.75 21.17
C MET A 463 33.71 -1.20 21.98
N THR A 464 33.93 -0.16 22.77
CA THR A 464 32.88 0.42 23.60
C THR A 464 32.57 1.87 23.26
N GLY A 465 31.48 2.37 23.80
CA GLY A 465 31.10 3.75 23.56
C GLY A 465 29.61 4.00 23.53
N GLY A 466 29.20 5.18 23.96
CA GLY A 466 27.80 5.53 23.99
C GLY A 466 27.32 5.87 22.58
N ASN A 467 26.28 6.69 22.47
CA ASN A 467 25.75 7.04 21.17
C ASN A 467 26.60 8.13 20.48
N ASP A 468 26.31 8.35 19.20
CA ASP A 468 26.99 9.35 18.36
C ASP A 468 27.38 10.59 19.16
N PRO A 469 28.67 10.99 19.11
CA PRO A 469 29.79 10.41 18.36
C PRO A 469 30.64 9.38 19.11
N GLU A 470 30.30 9.10 20.36
CA GLU A 470 31.09 8.17 21.14
C GLU A 470 31.25 6.78 20.51
N CYS A 471 30.29 6.40 19.65
CA CYS A 471 30.35 5.11 18.99
C CYS A 471 31.26 5.12 17.76
N ARG A 472 31.84 6.29 17.46
CA ARG A 472 32.70 6.44 16.31
C ARG A 472 34.19 6.54 16.63
N LYS A 473 34.61 5.80 17.65
CA LYS A 473 36.01 5.79 18.04
C LYS A 473 36.86 5.20 16.93
N CYS A 474 38.15 5.54 16.94
CA CYS A 474 39.07 4.99 15.96
C CYS A 474 39.08 3.48 16.13
N MET A 475 39.16 2.76 15.01
CA MET A 475 39.19 1.31 15.06
C MET A 475 40.42 0.87 15.86
N VAL A 476 40.23 -0.15 16.70
CA VAL A 476 41.30 -0.68 17.53
C VAL A 476 42.05 -1.78 16.79
N TRP A 477 43.27 -1.50 16.37
CA TRP A 477 44.07 -2.48 15.65
C TRP A 477 45.08 -3.21 16.54
N ASP A 478 45.39 -2.64 17.70
CA ASP A 478 46.31 -3.28 18.62
C ASP A 478 45.68 -4.58 19.13
N PRO A 479 46.22 -5.73 18.71
CA PRO A 479 45.70 -7.05 19.12
C PRO A 479 45.58 -7.23 20.63
N MET A 480 46.38 -6.50 21.39
CA MET A 480 46.36 -6.58 22.85
C MET A 480 45.13 -5.88 23.41
N GLN A 481 44.49 -5.04 22.60
CA GLN A 481 43.30 -4.32 23.04
C GLN A 481 42.01 -4.88 22.44
N GLN A 482 42.15 -5.79 21.48
CA GLN A 482 40.98 -6.41 20.85
C GLN A 482 40.52 -7.56 21.72
N ASN A 483 39.21 -7.73 21.87
CA ASN A 483 38.71 -8.83 22.67
C ASN A 483 38.77 -10.07 21.78
N LYS A 484 39.75 -10.93 22.05
CA LYS A 484 39.95 -12.14 21.26
C LYS A 484 38.77 -13.09 21.30
N GLU A 485 38.15 -13.25 22.47
CA GLU A 485 37.01 -14.15 22.61
C GLU A 485 35.91 -13.80 21.61
N LEU A 486 35.55 -12.52 21.54
CA LEU A 486 34.51 -12.07 20.62
C LEU A 486 34.89 -12.25 19.16
N HIS A 487 36.12 -11.88 18.80
CA HIS A 487 36.54 -12.00 17.42
C HIS A 487 36.45 -13.45 16.94
N GLN A 488 36.87 -14.39 17.77
CA GLN A 488 36.83 -15.80 17.41
C GLN A 488 35.37 -16.26 17.33
N HIS A 489 34.57 -15.80 18.28
CA HIS A 489 33.15 -16.14 18.34
C HIS A 489 32.44 -15.71 17.05
N VAL A 490 32.67 -14.47 16.64
CA VAL A 490 32.05 -13.95 15.42
C VAL A 490 32.51 -14.72 14.17
N LYS A 491 33.82 -14.93 14.05
CA LYS A 491 34.39 -15.64 12.91
C LYS A 491 33.77 -17.04 12.83
N GLN A 492 33.65 -17.66 13.99
CA GLN A 492 33.07 -19.00 14.10
C GLN A 492 31.63 -19.04 13.63
N LEU A 493 30.80 -18.10 14.09
CA LEU A 493 29.40 -18.06 13.70
C LEU A 493 29.22 -17.75 12.22
N ILE A 494 30.03 -16.84 11.69
CA ILE A 494 29.93 -16.50 10.27
C ILE A 494 30.23 -17.75 9.44
N ALA A 495 31.22 -18.53 9.87
CA ALA A 495 31.58 -19.76 9.17
C ALA A 495 30.40 -20.73 9.19
N LEU A 496 29.77 -20.85 10.35
CA LEU A 496 28.61 -21.74 10.50
C LEU A 496 27.47 -21.29 9.59
N ARG A 497 27.21 -19.99 9.58
CA ARG A 497 26.15 -19.43 8.76
C ARG A 497 26.37 -19.80 7.29
N LYS A 498 27.62 -19.70 6.84
CA LYS A 498 27.94 -20.02 5.46
C LYS A 498 27.74 -21.50 5.16
N GLN A 499 27.86 -22.34 6.18
CA GLN A 499 27.72 -23.78 6.02
C GLN A 499 26.29 -24.32 6.13
N TYR A 500 25.41 -23.60 6.83
CA TYR A 500 24.04 -24.07 6.99
C TYR A 500 23.02 -23.10 6.42
N ARG A 501 22.42 -23.51 5.30
CA ARG A 501 21.44 -22.70 4.59
C ARG A 501 20.24 -22.25 5.44
N SER A 502 19.79 -23.10 6.35
CA SER A 502 18.65 -22.74 7.18
C SER A 502 18.90 -21.48 8.00
N LEU A 503 20.15 -21.25 8.36
CA LEU A 503 20.51 -20.08 9.15
C LEU A 503 20.37 -18.82 8.31
N ARG A 504 20.74 -18.93 7.04
CA ARG A 504 20.70 -17.81 6.09
C ARG A 504 19.35 -17.53 5.43
N ARG A 505 18.62 -18.58 5.07
CA ARG A 505 17.36 -18.39 4.36
C ARG A 505 16.12 -19.13 4.88
N GLY A 506 16.26 -19.83 5.99
CA GLY A 506 15.12 -20.58 6.50
C GLY A 506 14.07 -19.82 7.27
N GLU A 507 13.02 -20.54 7.64
CA GLU A 507 11.93 -19.99 8.43
C GLU A 507 12.32 -20.14 9.89
N ILE A 508 11.89 -19.21 10.74
CA ILE A 508 12.22 -19.30 12.16
C ILE A 508 10.94 -19.59 12.97
N SER A 509 11.07 -20.44 13.97
CA SER A 509 9.93 -20.78 14.83
C SER A 509 10.44 -20.84 16.26
N PHE A 510 9.64 -20.32 17.19
CA PHE A 510 10.04 -20.33 18.60
C PHE A 510 9.28 -21.39 19.37
N LEU A 511 10.00 -22.17 20.17
CA LEU A 511 9.40 -23.21 20.99
C LEU A 511 9.32 -22.70 22.43
N HIS A 512 8.14 -22.82 23.03
CA HIS A 512 7.91 -22.36 24.38
C HIS A 512 8.39 -23.35 25.44
N ALA A 513 9.39 -22.94 26.22
CA ALA A 513 9.95 -23.78 27.26
C ALA A 513 9.17 -23.62 28.56
N ASP A 514 9.57 -24.38 29.57
CA ASP A 514 8.93 -24.33 30.88
C ASP A 514 9.08 -22.91 31.44
N ASP A 515 10.32 -22.43 31.48
CA ASP A 515 10.63 -21.10 31.98
C ASP A 515 10.65 -20.10 30.83
N GLU A 516 9.48 -19.59 30.49
CA GLU A 516 9.34 -18.63 29.40
C GLU A 516 9.98 -17.28 29.73
N MET A 517 10.87 -17.26 30.72
CA MET A 517 11.51 -16.01 31.10
C MET A 517 12.96 -15.84 30.63
N ASN A 518 13.80 -16.82 30.92
CA ASN A 518 15.21 -16.72 30.55
C ASN A 518 15.69 -17.70 29.46
N TYR A 519 14.90 -18.72 29.17
CA TYR A 519 15.31 -19.70 28.18
C TYR A 519 14.70 -19.44 26.81
N LEU A 520 15.56 -19.26 25.81
CA LEU A 520 15.10 -19.03 24.45
C LEU A 520 15.44 -20.24 23.61
N ILE A 521 14.42 -20.79 22.96
CA ILE A 521 14.61 -21.96 22.11
C ILE A 521 13.93 -21.70 20.78
N TYR A 522 14.71 -21.76 19.70
CA TYR A 522 14.13 -21.52 18.39
C TYR A 522 14.75 -22.43 17.34
N LYS A 523 14.04 -22.59 16.22
CA LYS A 523 14.50 -23.44 15.14
C LYS A 523 14.53 -22.69 13.83
N LYS A 524 15.46 -23.08 12.97
CA LYS A 524 15.58 -22.52 11.62
C LYS A 524 15.42 -23.73 10.71
N THR A 525 14.59 -23.61 9.68
CA THR A 525 14.40 -24.73 8.75
C THR A 525 14.06 -24.22 7.36
N ASP A 526 14.56 -24.91 6.34
CA ASP A 526 14.29 -24.52 4.96
C ASP A 526 13.64 -25.66 4.19
N GLY A 527 13.21 -26.69 4.91
CA GLY A 527 12.57 -27.83 4.27
C GLY A 527 13.55 -28.96 4.00
N ASP A 528 14.83 -28.66 4.04
CA ASP A 528 15.86 -29.67 3.82
C ASP A 528 16.68 -29.94 5.06
N GLU A 529 16.94 -28.89 5.84
CA GLU A 529 17.70 -29.04 7.07
C GLU A 529 17.05 -28.25 8.20
N THR A 530 17.35 -28.64 9.44
CA THR A 530 16.79 -27.97 10.60
C THR A 530 17.86 -27.75 11.66
N VAL A 531 17.96 -26.53 12.17
CA VAL A 531 18.93 -26.21 13.20
C VAL A 531 18.19 -25.69 14.42
N LEU A 532 18.46 -26.31 15.56
CA LEU A 532 17.83 -25.94 16.82
C LEU A 532 18.81 -25.12 17.65
N VAL A 533 18.36 -23.98 18.17
CA VAL A 533 19.21 -23.15 18.99
C VAL A 533 18.60 -23.01 20.38
N ILE A 534 19.41 -23.22 21.41
CA ILE A 534 18.96 -23.13 22.79
C ILE A 534 19.88 -22.16 23.52
N ILE A 535 19.28 -21.15 24.16
CA ILE A 535 20.06 -20.13 24.86
C ILE A 535 19.65 -19.97 26.32
N ASN A 536 20.63 -20.01 27.21
CA ASN A 536 20.35 -19.82 28.62
C ASN A 536 20.68 -18.37 28.96
N ARG A 537 19.71 -17.48 28.80
CA ARG A 537 19.94 -16.07 29.10
C ARG A 537 19.76 -15.77 30.60
N SER A 538 20.66 -16.30 31.42
CA SER A 538 20.60 -16.07 32.87
C SER A 538 21.99 -16.34 33.46
N ASP A 539 22.27 -15.77 34.64
CA ASP A 539 23.56 -15.96 35.28
C ASP A 539 23.69 -17.25 36.10
N GLN A 540 22.76 -18.18 35.88
CA GLN A 540 22.80 -19.45 36.61
C GLN A 540 22.77 -20.59 35.61
N LYS A 541 23.40 -21.71 35.95
CA LYS A 541 23.40 -22.87 35.06
C LYS A 541 21.94 -23.28 34.90
N ALA A 542 21.62 -24.01 33.83
CA ALA A 542 20.25 -24.42 33.62
C ALA A 542 20.09 -25.74 32.89
N ASP A 543 19.07 -26.48 33.29
CA ASP A 543 18.72 -27.76 32.68
C ASP A 543 17.46 -27.42 31.90
N ILE A 544 17.58 -27.33 30.58
CA ILE A 544 16.46 -26.94 29.73
C ILE A 544 15.88 -28.08 28.90
N PRO A 545 14.60 -28.41 29.11
CA PRO A 545 13.93 -29.49 28.37
C PRO A 545 13.68 -29.08 26.93
N ILE A 546 14.15 -29.90 25.99
CA ILE A 546 13.95 -29.60 24.57
C ILE A 546 12.73 -30.35 24.03
N PRO A 547 11.70 -29.60 23.63
CA PRO A 547 10.46 -30.18 23.08
C PRO A 547 10.59 -30.76 21.68
N LEU A 548 11.02 -32.01 21.60
CA LEU A 548 11.18 -32.70 20.32
C LEU A 548 11.06 -34.21 20.51
N ASP A 549 10.39 -34.87 19.58
CA ASP A 549 10.23 -36.31 19.64
C ASP A 549 11.60 -36.98 19.55
N ALA A 550 11.78 -38.07 20.28
CA ALA A 550 13.05 -38.78 20.29
C ALA A 550 13.02 -40.08 19.50
N ARG A 551 12.11 -40.18 18.54
CA ARG A 551 12.00 -41.38 17.71
C ARG A 551 12.83 -41.25 16.44
N GLY A 552 13.94 -41.96 16.40
CA GLY A 552 14.82 -41.91 15.24
C GLY A 552 15.40 -40.53 15.04
N THR A 553 15.39 -39.72 16.10
CA THR A 553 15.89 -38.36 16.04
C THR A 553 17.35 -38.29 16.50
N TRP A 554 18.21 -37.75 15.65
CA TRP A 554 19.63 -37.61 15.96
C TRP A 554 20.04 -36.13 15.91
N LEU A 555 20.89 -35.74 16.87
CA LEU A 555 21.35 -34.36 16.95
C LEU A 555 22.85 -34.26 16.74
N VAL A 556 23.28 -33.16 16.12
CA VAL A 556 24.70 -32.92 15.87
C VAL A 556 25.07 -31.54 16.38
N ASN A 557 25.94 -31.49 17.38
CA ASN A 557 26.38 -30.22 17.96
C ASN A 557 27.21 -29.52 16.87
N LEU A 558 26.75 -28.36 16.42
CA LEU A 558 27.44 -27.63 15.37
C LEU A 558 28.76 -27.00 15.78
N LEU A 559 28.98 -26.84 17.08
CA LEU A 559 30.22 -26.24 17.57
C LEU A 559 31.30 -27.29 17.85
N THR A 560 30.90 -28.45 18.34
CA THR A 560 31.84 -29.52 18.66
C THR A 560 31.84 -30.65 17.64
N GLY A 561 30.75 -30.77 16.89
CA GLY A 561 30.66 -31.83 15.90
C GLY A 561 30.11 -33.14 16.46
N GLU A 562 29.94 -33.20 17.79
CA GLU A 562 29.43 -34.40 18.43
C GLU A 562 28.02 -34.81 17.99
N ARG A 563 27.87 -36.09 17.68
CA ARG A 563 26.60 -36.66 17.27
C ARG A 563 26.05 -37.54 18.38
N PHE A 564 24.74 -37.52 18.58
CA PHE A 564 24.11 -38.37 19.59
C PHE A 564 22.63 -38.51 19.31
N ALA A 565 22.03 -39.56 19.86
CA ALA A 565 20.61 -39.80 19.66
C ALA A 565 19.80 -39.36 20.86
N ALA A 566 18.53 -39.04 20.62
CA ALA A 566 17.61 -38.63 21.68
C ALA A 566 16.82 -39.86 22.09
N GLU A 567 16.21 -39.82 23.27
CA GLU A 567 15.43 -40.97 23.73
C GLU A 567 14.31 -40.58 24.70
N ALA A 568 14.63 -39.71 25.65
CA ALA A 568 13.66 -39.27 26.66
C ALA A 568 12.45 -38.57 26.04
N GLU A 569 12.37 -38.58 24.71
CA GLU A 569 11.27 -37.94 23.99
C GLU A 569 11.29 -36.43 24.25
N THR A 570 12.23 -36.02 25.10
CA THR A 570 12.41 -34.62 25.47
C THR A 570 13.75 -34.49 26.18
N LEU A 571 14.83 -34.68 25.41
CA LEU A 571 16.19 -34.61 25.93
C LEU A 571 16.41 -33.33 26.75
N CYS A 572 17.26 -33.45 27.77
CA CYS A 572 17.57 -32.31 28.65
C CYS A 572 18.91 -31.70 28.29
N THR A 573 18.90 -30.40 28.01
CA THR A 573 20.13 -29.69 27.66
C THR A 573 20.62 -28.89 28.86
N SER A 574 21.85 -29.18 29.31
CA SER A 574 22.41 -28.47 30.45
C SER A 574 23.40 -27.41 29.98
N LEU A 575 23.13 -26.16 30.33
CA LEU A 575 23.98 -25.06 29.93
C LEU A 575 24.47 -24.24 31.10
N PRO A 576 25.70 -23.72 31.00
CA PRO A 576 26.29 -22.90 32.06
C PRO A 576 25.69 -21.51 31.93
N PRO A 577 26.00 -20.60 32.86
CA PRO A 577 25.47 -19.23 32.80
C PRO A 577 25.72 -18.62 31.41
N TYR A 578 24.68 -18.02 30.83
CA TYR A 578 24.76 -17.39 29.52
C TYR A 578 25.28 -18.33 28.44
N GLY A 579 25.15 -19.62 28.66
CA GLY A 579 25.59 -20.60 27.69
C GLY A 579 24.60 -20.74 26.54
N PHE A 580 25.02 -21.46 25.50
CA PHE A 580 24.16 -21.69 24.33
C PHE A 580 24.65 -22.90 23.56
N VAL A 581 23.78 -23.43 22.71
CA VAL A 581 24.15 -24.59 21.91
C VAL A 581 23.32 -24.63 20.62
N LEU A 582 23.92 -25.15 19.55
CA LEU A 582 23.24 -25.27 18.27
C LEU A 582 23.33 -26.72 17.83
N TYR A 583 22.20 -27.29 17.40
CA TYR A 583 22.14 -28.67 16.94
C TYR A 583 21.48 -28.77 15.57
N ALA A 584 22.06 -29.57 14.69
CA ALA A 584 21.44 -29.81 13.39
C ALA A 584 20.57 -31.01 13.72
N ILE A 585 19.32 -31.03 13.24
CA ILE A 585 18.43 -32.14 13.55
C ILE A 585 18.34 -33.14 12.41
N GLU A 586 18.30 -34.41 12.77
CA GLU A 586 18.20 -35.50 11.78
C GLU A 586 17.06 -36.45 12.13
N HIS A 587 16.14 -36.62 11.18
CA HIS A 587 15.00 -37.50 11.38
C HIS A 587 15.19 -38.74 10.52
N TRP A 588 15.54 -39.85 11.16
CA TRP A 588 15.76 -41.11 10.45
C TRP A 588 14.63 -42.07 10.75
N MET B 1 -10.56 -2.90 27.67
CA MET B 1 -10.10 -2.69 26.27
C MET B 1 -9.71 -3.98 25.56
N ARG B 2 -10.32 -4.21 24.40
CA ARG B 2 -10.03 -5.38 23.60
C ARG B 2 -8.90 -5.01 22.65
N LYS B 3 -7.66 -5.26 23.07
CA LYS B 3 -6.49 -4.94 22.27
C LYS B 3 -6.51 -5.56 20.89
N GLU B 4 -7.11 -6.74 20.78
CA GLU B 4 -7.18 -7.45 19.51
C GLU B 4 -7.98 -6.74 18.42
N ALA B 5 -8.83 -5.81 18.81
CA ALA B 5 -9.66 -5.08 17.86
C ALA B 5 -9.13 -3.69 17.52
N ILE B 6 -8.06 -3.28 18.17
CA ILE B 6 -7.48 -1.96 17.92
C ILE B 6 -6.54 -2.04 16.73
N TYR B 7 -6.53 -1.00 15.90
CA TYR B 7 -5.65 -1.04 14.74
C TYR B 7 -5.37 0.28 14.05
N HIS B 8 -4.11 0.41 13.64
CA HIS B 8 -3.63 1.55 12.88
C HIS B 8 -2.30 1.13 12.25
N ARG B 9 -2.07 1.55 11.03
CA ARG B 9 -0.81 1.29 10.34
C ARG B 9 -0.66 2.47 9.38
N PRO B 10 0.45 3.21 9.48
CA PRO B 10 0.82 4.40 8.69
C PRO B 10 0.76 4.38 7.18
N ALA B 11 -0.42 4.12 6.64
CA ALA B 11 -0.59 4.10 5.19
C ALA B 11 -2.06 3.96 4.79
N ASP B 12 -2.30 3.95 3.48
CA ASP B 12 -3.64 3.81 2.93
C ASP B 12 -4.74 4.66 3.59
N ASN B 13 -5.77 4.00 4.12
CA ASN B 13 -6.90 4.71 4.73
C ASN B 13 -6.68 5.15 6.18
N PHE B 14 -5.61 4.66 6.80
CA PHE B 14 -5.34 5.01 8.20
C PHE B 14 -4.44 6.23 8.39
N ALA B 15 -3.57 6.51 7.41
CA ALA B 15 -2.67 7.66 7.49
C ALA B 15 -2.37 8.12 6.07
N TYR B 16 -2.69 9.38 5.78
CA TYR B 16 -2.46 9.93 4.45
C TYR B 16 -2.56 11.45 4.44
N ALA B 17 -1.98 12.07 3.42
CA ALA B 17 -2.04 13.51 3.30
C ALA B 17 -3.35 13.85 2.58
N TYR B 18 -4.14 14.75 3.17
CA TYR B 18 -5.41 15.15 2.56
C TYR B 18 -5.12 16.25 1.55
N ASP B 19 -4.17 17.12 1.91
CA ASP B 19 -3.74 18.20 1.04
C ASP B 19 -2.28 18.48 1.35
N SER B 20 -1.69 19.46 0.68
CA SER B 20 -0.27 19.78 0.87
C SER B 20 0.19 20.15 2.27
N GLU B 21 -0.75 20.47 3.18
CA GLU B 21 -0.37 20.85 4.54
C GLU B 21 -1.09 20.04 5.63
N THR B 22 -2.01 19.19 5.21
CA THR B 22 -2.82 18.44 6.18
C THR B 22 -2.78 16.92 6.09
N LEU B 23 -2.61 16.27 7.24
CA LEU B 23 -2.60 14.82 7.33
C LEU B 23 -3.88 14.36 8.00
N HIS B 24 -4.36 13.20 7.59
CA HIS B 24 -5.55 12.61 8.20
C HIS B 24 -5.08 11.32 8.86
N LEU B 25 -5.51 11.08 10.08
CA LEU B 25 -5.14 9.87 10.80
C LEU B 25 -6.42 9.20 11.29
N ARG B 26 -6.49 7.88 11.13
CA ARG B 26 -7.64 7.10 11.58
C ARG B 26 -7.20 6.02 12.55
N LEU B 27 -8.13 5.56 13.36
CA LEU B 27 -7.87 4.49 14.31
C LEU B 27 -9.17 3.71 14.43
N ARG B 28 -9.09 2.38 14.44
CA ARG B 28 -10.31 1.60 14.61
C ARG B 28 -10.21 0.84 15.92
N THR B 29 -11.35 0.68 16.59
CA THR B 29 -11.40 -0.01 17.88
C THR B 29 -12.69 -0.82 17.95
N LYS B 30 -12.80 -1.72 18.91
CA LYS B 30 -14.01 -2.52 19.04
C LYS B 30 -15.17 -1.57 19.32
N LYS B 31 -16.25 -1.70 18.55
CA LYS B 31 -17.40 -0.84 18.73
C LYS B 31 -17.85 -0.70 20.20
N ASP B 32 -18.00 0.55 20.64
CA ASP B 32 -18.43 0.88 22.00
C ASP B 32 -17.47 0.48 23.12
N ASP B 33 -16.32 -0.06 22.74
CA ASP B 33 -15.34 -0.49 23.74
C ASP B 33 -14.52 0.69 24.28
N ILE B 34 -14.27 1.68 23.43
CA ILE B 34 -13.47 2.84 23.82
C ILE B 34 -14.34 4.09 23.97
N ASP B 35 -14.14 4.83 25.06
CA ASP B 35 -14.91 6.03 25.33
C ASP B 35 -14.36 7.28 24.63
N ARG B 36 -13.04 7.41 24.65
CA ARG B 36 -12.39 8.56 24.03
C ARG B 36 -11.03 8.13 23.52
N VAL B 37 -10.52 8.88 22.54
CA VAL B 37 -9.20 8.61 21.98
C VAL B 37 -8.48 9.94 21.73
N GLU B 38 -7.24 10.03 22.19
CA GLU B 38 -6.46 11.23 21.99
C GLU B 38 -5.26 10.89 21.12
N LEU B 39 -4.95 11.80 20.21
CA LEU B 39 -3.81 11.62 19.34
C LEU B 39 -2.63 12.34 19.96
N LEU B 40 -1.55 11.62 20.22
CA LEU B 40 -0.34 12.23 20.77
C LEU B 40 0.48 12.49 19.52
N HIS B 41 0.93 13.72 19.33
CA HIS B 41 1.68 14.03 18.12
C HIS B 41 2.73 15.11 18.29
N GLY B 42 3.72 15.09 17.40
CA GLY B 42 4.79 16.07 17.43
C GLY B 42 5.73 15.82 16.28
N ASP B 43 6.76 16.66 16.17
CA ASP B 43 7.74 16.50 15.11
C ASP B 43 8.74 15.45 15.58
N PRO B 44 9.15 14.55 14.68
CA PRO B 44 10.11 13.50 15.07
C PRO B 44 11.39 14.05 15.72
N TYR B 45 11.78 15.26 15.36
CA TYR B 45 13.01 15.85 15.89
C TYR B 45 12.82 16.90 16.97
N ASP B 46 11.64 16.96 17.57
CA ASP B 46 11.34 17.92 18.63
C ASP B 46 12.37 17.87 19.77
N TRP B 47 12.95 16.70 20.01
CA TRP B 47 13.93 16.55 21.07
C TRP B 47 15.12 17.50 20.95
N GLN B 48 15.49 17.84 19.71
CA GLN B 48 16.62 18.74 19.50
C GLN B 48 16.34 20.12 20.09
N ASN B 49 15.06 20.49 20.10
CA ASN B 49 14.65 21.80 20.62
C ASN B 49 14.21 21.74 22.08
N GLY B 50 14.44 20.60 22.72
CA GLY B 50 14.06 20.45 24.11
C GLY B 50 12.57 20.19 24.30
N ALA B 51 11.89 19.79 23.24
CA ALA B 51 10.47 19.50 23.31
C ALA B 51 10.32 17.98 23.34
N TRP B 52 10.35 17.40 24.53
CA TRP B 52 10.24 15.96 24.71
C TRP B 52 8.82 15.46 24.94
N GLN B 53 7.87 16.36 25.14
CA GLN B 53 6.50 15.95 25.34
C GLN B 53 5.69 16.12 24.07
N PHE B 54 4.67 15.28 23.90
CA PHE B 54 3.81 15.34 22.74
C PHE B 54 2.72 16.39 22.90
N GLN B 55 2.13 16.77 21.76
CA GLN B 55 1.01 17.70 21.76
C GLN B 55 -0.14 16.70 21.78
N MET B 56 -1.31 17.11 22.27
CA MET B 56 -2.44 16.19 22.32
C MET B 56 -3.63 16.77 21.58
N MET B 57 -4.34 15.91 20.86
CA MET B 57 -5.51 16.31 20.10
C MET B 57 -6.57 15.23 20.23
N PRO B 58 -7.79 15.60 20.61
CA PRO B 58 -8.83 14.58 20.72
C PRO B 58 -9.29 14.11 19.36
N MET B 59 -9.53 12.81 19.23
CA MET B 59 -10.01 12.24 17.98
C MET B 59 -11.53 12.17 18.03
N ARG B 60 -12.16 12.26 16.87
CA ARG B 60 -13.61 12.21 16.77
C ARG B 60 -14.09 10.91 16.14
N LYS B 61 -15.15 10.33 16.70
CA LYS B 61 -15.69 9.09 16.15
C LYS B 61 -16.50 9.47 14.91
N THR B 62 -16.05 9.04 13.75
CA THR B 62 -16.72 9.36 12.51
C THR B 62 -17.78 8.36 12.06
N GLY B 63 -17.82 7.20 12.72
CA GLY B 63 -18.79 6.20 12.36
C GLY B 63 -18.44 4.83 12.92
N SER B 64 -19.31 3.86 12.69
CA SER B 64 -19.09 2.50 13.16
C SER B 64 -19.66 1.53 12.15
N ASP B 65 -19.02 0.37 12.00
CA ASP B 65 -19.58 -0.64 11.11
C ASP B 65 -20.06 -1.76 12.03
N GLU B 66 -20.25 -2.95 11.50
CA GLU B 66 -20.72 -4.07 12.30
C GLU B 66 -19.89 -4.35 13.54
N LEU B 67 -18.56 -4.28 13.40
CA LEU B 67 -17.67 -4.59 14.51
C LEU B 67 -16.86 -3.48 15.14
N PHE B 68 -16.59 -2.40 14.40
CA PHE B 68 -15.73 -1.35 14.91
C PHE B 68 -16.24 0.09 14.93
N ASP B 69 -15.52 0.91 15.69
CA ASP B 69 -15.78 2.35 15.75
C ASP B 69 -14.55 2.88 15.02
N TYR B 70 -14.71 4.00 14.32
CA TYR B 70 -13.60 4.60 13.60
C TYR B 70 -13.39 6.01 14.13
N TRP B 71 -12.14 6.32 14.47
CA TRP B 71 -11.80 7.63 15.01
C TRP B 71 -11.01 8.43 13.98
N PHE B 72 -11.11 9.75 14.06
CA PHE B 72 -10.46 10.61 13.08
C PHE B 72 -9.84 11.88 13.66
N ALA B 73 -8.76 12.32 13.02
CA ALA B 73 -8.11 13.56 13.43
C ALA B 73 -7.35 14.10 12.23
N GLU B 74 -7.38 15.42 12.07
CA GLU B 74 -6.65 16.05 10.98
C GLU B 74 -5.54 16.84 11.68
N VAL B 75 -4.34 16.79 11.12
CA VAL B 75 -3.20 17.46 11.73
C VAL B 75 -2.38 18.20 10.68
N LYS B 76 -1.91 19.39 11.03
CA LYS B 76 -1.09 20.17 10.12
C LYS B 76 0.29 20.27 10.75
N PRO B 77 1.16 19.28 10.47
CA PRO B 77 2.52 19.28 11.06
C PRO B 77 3.22 20.59 10.74
N PRO B 78 3.75 21.28 11.77
CA PRO B 78 4.45 22.56 11.57
C PRO B 78 5.60 22.48 10.58
N TYR B 79 6.27 21.33 10.53
CA TYR B 79 7.39 21.16 9.62
C TYR B 79 7.16 19.99 8.67
N ARG B 80 5.90 19.65 8.46
CA ARG B 80 5.51 18.58 7.55
C ARG B 80 6.01 17.19 7.91
N ARG B 81 6.40 16.99 9.18
CA ARG B 81 6.89 15.70 9.66
C ARG B 81 6.09 15.31 10.90
N LEU B 82 5.81 14.02 11.08
CA LEU B 82 5.03 13.63 12.25
C LEU B 82 5.35 12.28 12.88
N ARG B 83 5.41 12.27 14.21
CA ARG B 83 5.63 11.08 15.01
C ARG B 83 4.39 11.06 15.90
N TYR B 84 3.73 9.91 16.04
CA TYR B 84 2.51 9.90 16.84
C TYR B 84 2.14 8.57 17.48
N GLY B 85 1.21 8.66 18.43
CA GLY B 85 0.72 7.49 19.13
C GLY B 85 -0.72 7.78 19.54
N PHE B 86 -1.40 6.82 20.13
CA PHE B 86 -2.79 7.03 20.55
C PHE B 86 -3.00 6.70 22.01
N VAL B 87 -3.86 7.47 22.67
CA VAL B 87 -4.18 7.23 24.07
C VAL B 87 -5.65 6.86 24.08
N LEU B 88 -5.96 5.62 24.48
CA LEU B 88 -7.33 5.15 24.52
C LEU B 88 -7.85 5.07 25.94
N TYR B 89 -9.05 5.60 26.14
CA TYR B 89 -9.68 5.61 27.46
C TYR B 89 -10.87 4.66 27.51
N SER B 90 -10.85 3.77 28.50
CA SER B 90 -11.91 2.80 28.70
C SER B 90 -12.14 2.59 30.19
N GLY B 91 -13.36 2.23 30.56
CA GLY B 91 -13.68 2.01 31.96
C GLY B 91 -12.65 1.13 32.66
N GLU B 92 -12.11 0.18 31.90
CA GLU B 92 -11.11 -0.75 32.42
C GLU B 92 -9.79 -0.06 32.77
N GLU B 93 -9.21 0.63 31.79
CA GLU B 93 -7.95 1.33 32.01
C GLU B 93 -7.57 2.19 30.82
N LYS B 94 -6.52 2.99 30.99
CA LYS B 94 -6.03 3.85 29.91
C LYS B 94 -4.83 3.17 29.29
N LEU B 95 -4.76 3.17 27.96
CA LEU B 95 -3.63 2.55 27.27
C LEU B 95 -3.06 3.42 26.16
N VAL B 96 -1.74 3.40 26.03
CA VAL B 96 -1.06 4.14 24.98
C VAL B 96 -0.76 3.12 23.90
N TYR B 97 -1.26 3.38 22.70
CA TYR B 97 -1.08 2.49 21.56
C TYR B 97 0.00 3.07 20.64
N THR B 98 1.04 2.28 20.39
CA THR B 98 2.17 2.70 19.57
C THR B 98 2.57 1.62 18.57
N GLU B 99 3.56 1.91 17.75
CA GLU B 99 4.03 0.94 16.77
C GLU B 99 4.67 -0.25 17.46
N LYS B 100 5.22 -0.02 18.65
CA LYS B 100 5.86 -1.08 19.42
C LYS B 100 4.89 -1.76 20.40
N GLY B 101 3.62 -1.41 20.31
CA GLY B 101 2.65 -2.04 21.20
C GLY B 101 1.92 -1.12 22.16
N PHE B 102 1.38 -1.73 23.22
CA PHE B 102 0.63 -0.99 24.23
C PHE B 102 1.42 -0.79 25.51
N TYR B 103 1.21 0.37 26.13
CA TYR B 103 1.87 0.72 27.39
C TYR B 103 0.84 1.41 28.27
N PHE B 104 0.95 1.22 29.59
CA PHE B 104 -0.01 1.82 30.51
C PHE B 104 0.12 3.34 30.60
N GLU B 105 1.30 3.84 30.26
CA GLU B 105 1.54 5.28 30.28
C GLU B 105 2.53 5.61 29.19
N VAL B 106 2.63 6.88 28.82
CA VAL B 106 3.57 7.30 27.80
C VAL B 106 4.98 7.02 28.32
N PRO B 107 5.75 6.19 27.60
CA PRO B 107 7.13 5.86 28.00
C PRO B 107 7.90 7.13 28.34
N THR B 108 8.53 7.16 29.51
CA THR B 108 9.29 8.32 29.95
C THR B 108 10.72 8.38 29.40
N ASP B 109 11.15 7.32 28.71
CA ASP B 109 12.50 7.30 28.15
C ASP B 109 12.49 7.86 26.73
N ASP B 110 13.62 7.77 26.05
CA ASP B 110 13.74 8.32 24.69
C ASP B 110 13.74 7.29 23.56
N THR B 111 13.19 6.10 23.82
CA THR B 111 13.15 5.06 22.80
C THR B 111 12.09 5.36 21.74
N ALA B 112 12.32 4.87 20.52
CA ALA B 112 11.39 5.07 19.42
C ALA B 112 10.27 4.03 19.45
N TYR B 113 9.09 4.44 19.88
CA TYR B 113 7.94 3.53 19.96
C TYR B 113 6.85 3.89 18.96
N TYR B 114 6.89 5.13 18.50
CA TYR B 114 5.83 5.66 17.66
C TYR B 114 5.72 5.47 16.17
N PHE B 115 4.48 5.63 15.70
CA PHE B 115 4.15 5.53 14.29
C PHE B 115 4.78 6.78 13.69
N CYS B 116 4.96 6.78 12.38
CA CYS B 116 5.57 7.93 11.75
C CYS B 116 5.04 8.24 10.36
N PHE B 117 4.86 9.53 10.08
CA PHE B 117 4.46 9.97 8.75
C PHE B 117 5.65 10.88 8.48
N PRO B 118 6.71 10.31 7.90
CA PRO B 118 7.98 10.96 7.55
C PRO B 118 7.96 12.38 6.98
N PHE B 119 7.24 12.60 5.89
CA PHE B 119 7.17 13.94 5.30
C PHE B 119 5.97 14.06 4.40
N LEU B 120 5.33 15.23 4.40
CA LEU B 120 4.16 15.45 3.56
C LEU B 120 4.63 16.02 2.23
N HIS B 121 4.67 15.17 1.20
CA HIS B 121 5.11 15.57 -0.13
C HIS B 121 3.93 15.91 -1.03
N ARG B 122 3.99 17.05 -1.69
CA ARG B 122 2.90 17.44 -2.57
C ARG B 122 2.85 16.46 -3.74
N VAL B 123 4.02 16.01 -4.21
CA VAL B 123 4.07 15.09 -5.35
C VAL B 123 3.42 13.73 -5.12
N ASP B 124 3.41 13.25 -3.87
CA ASP B 124 2.81 11.95 -3.55
C ASP B 124 1.32 12.05 -3.17
N LEU B 125 0.84 13.27 -3.00
CA LEU B 125 -0.54 13.51 -2.61
C LEU B 125 -1.55 12.97 -3.62
N PHE B 126 -2.58 12.27 -3.13
CA PHE B 126 -3.61 11.75 -4.02
C PHE B 126 -4.44 12.95 -4.44
N GLU B 127 -4.61 13.12 -5.74
CA GLU B 127 -5.37 14.25 -6.24
C GLU B 127 -6.10 13.93 -7.54
N ALA B 128 -7.42 13.91 -7.48
CA ALA B 128 -8.24 13.63 -8.65
C ALA B 128 -8.65 15.00 -9.21
N PRO B 129 -9.06 15.05 -10.48
CA PRO B 129 -9.48 16.33 -11.05
C PRO B 129 -10.64 16.89 -10.23
N ASP B 130 -10.55 18.15 -9.81
CA ASP B 130 -11.59 18.73 -8.98
C ASP B 130 -12.99 18.71 -9.60
N TRP B 131 -13.08 18.89 -10.91
CA TRP B 131 -14.37 18.94 -11.58
C TRP B 131 -15.25 17.69 -11.42
N VAL B 132 -14.64 16.53 -11.26
CA VAL B 132 -15.42 15.30 -11.13
C VAL B 132 -16.31 15.32 -9.89
N LYS B 133 -15.89 16.06 -8.87
CA LYS B 133 -16.65 16.14 -7.63
C LYS B 133 -18.03 16.79 -7.78
N ASP B 134 -18.20 17.60 -8.81
CA ASP B 134 -19.49 18.26 -9.03
C ASP B 134 -20.21 17.66 -10.23
N THR B 135 -19.66 16.59 -10.78
CA THR B 135 -20.26 15.95 -11.94
C THR B 135 -21.23 14.82 -11.64
N VAL B 136 -22.26 14.72 -12.47
CA VAL B 136 -23.24 13.65 -12.39
C VAL B 136 -23.14 13.02 -13.78
N TRP B 137 -22.64 11.79 -13.83
CA TRP B 137 -22.45 11.09 -15.10
C TRP B 137 -23.68 10.35 -15.60
N TYR B 138 -23.69 10.08 -16.90
CA TYR B 138 -24.76 9.35 -17.56
C TYR B 138 -24.06 8.36 -18.47
N GLN B 139 -24.28 7.06 -18.24
CA GLN B 139 -23.64 6.04 -19.04
C GLN B 139 -24.45 5.61 -20.25
N ILE B 140 -23.80 5.59 -21.41
CA ILE B 140 -24.45 5.22 -22.66
C ILE B 140 -23.75 4.05 -23.35
N PHE B 141 -24.57 3.07 -23.77
CA PHE B 141 -24.14 1.87 -24.50
C PHE B 141 -24.59 2.29 -25.91
N PRO B 142 -23.69 2.90 -26.71
CA PRO B 142 -23.93 3.39 -28.07
C PRO B 142 -24.83 2.59 -29.03
N GLU B 143 -24.73 1.27 -29.01
CA GLU B 143 -25.53 0.45 -29.92
C GLU B 143 -27.02 0.55 -29.57
N ARG B 144 -27.34 1.10 -28.40
CA ARG B 144 -28.73 1.18 -27.96
C ARG B 144 -29.30 2.53 -27.53
N PHE B 145 -28.60 3.63 -27.74
CA PHE B 145 -29.15 4.92 -27.31
C PHE B 145 -30.10 5.51 -28.35
N ALA B 146 -29.62 5.67 -29.58
CA ALA B 146 -30.46 6.21 -30.64
C ALA B 146 -29.84 6.00 -32.02
N ASN B 147 -30.69 5.65 -32.98
CA ASN B 147 -30.25 5.44 -34.36
C ASN B 147 -30.37 6.77 -35.10
N GLY B 148 -29.31 7.59 -35.02
CA GLY B 148 -29.32 8.87 -35.68
C GLY B 148 -28.85 8.81 -37.13
N ASN B 149 -28.28 7.69 -37.53
CA ASN B 149 -27.81 7.53 -38.90
C ASN B 149 -28.15 6.13 -39.39
N PRO B 150 -29.34 5.96 -39.99
CA PRO B 150 -29.78 4.66 -40.51
C PRO B 150 -28.87 4.06 -41.56
N SER B 151 -28.17 4.90 -42.32
CA SER B 151 -27.29 4.42 -43.39
C SER B 151 -26.07 3.64 -42.93
N ILE B 152 -25.65 3.80 -41.69
CA ILE B 152 -24.48 3.07 -41.21
C ILE B 152 -24.81 1.95 -40.23
N SER B 153 -26.10 1.74 -39.99
CA SER B 153 -26.53 0.69 -39.07
C SER B 153 -26.11 -0.67 -39.63
N PRO B 154 -25.78 -1.62 -38.74
CA PRO B 154 -25.37 -2.96 -39.17
C PRO B 154 -26.43 -3.60 -40.07
N GLU B 155 -26.00 -4.43 -41.00
CA GLU B 155 -26.93 -5.13 -41.87
C GLU B 155 -27.64 -6.13 -40.96
N GLY B 156 -28.97 -6.13 -41.00
CA GLY B 156 -29.70 -7.05 -40.15
C GLY B 156 -30.12 -6.43 -38.82
N SER B 157 -30.04 -5.11 -38.71
CA SER B 157 -30.44 -4.44 -37.49
C SER B 157 -31.94 -4.65 -37.29
N ARG B 158 -32.35 -4.92 -36.06
CA ARG B 158 -33.76 -5.14 -35.75
C ARG B 158 -34.49 -3.82 -35.56
N PRO B 159 -35.81 -3.79 -35.83
CA PRO B 159 -36.58 -2.55 -35.65
C PRO B 159 -36.33 -2.03 -34.23
N TRP B 160 -36.05 -0.73 -34.13
CA TRP B 160 -35.74 -0.12 -32.84
C TRP B 160 -36.65 -0.50 -31.69
N GLY B 161 -36.02 -1.01 -30.62
CA GLY B 161 -36.73 -1.41 -29.43
C GLY B 161 -37.88 -2.37 -29.60
N SER B 162 -37.93 -3.08 -30.73
CA SER B 162 -39.03 -4.02 -30.99
C SER B 162 -38.93 -5.36 -30.27
N GLU B 163 -37.72 -5.75 -29.87
CA GLU B 163 -37.53 -7.02 -29.17
C GLU B 163 -36.40 -6.98 -28.16
N ASP B 164 -36.36 -7.98 -27.28
CA ASP B 164 -35.31 -8.04 -26.27
C ASP B 164 -33.97 -8.20 -26.96
N PRO B 165 -32.93 -7.53 -26.43
CA PRO B 165 -31.59 -7.63 -27.01
C PRO B 165 -30.98 -8.99 -26.67
N THR B 166 -30.02 -9.43 -27.47
CA THR B 166 -29.34 -10.69 -27.25
C THR B 166 -27.83 -10.42 -27.35
N PRO B 167 -27.00 -11.43 -27.06
CA PRO B 167 -25.55 -11.22 -27.14
C PRO B 167 -25.05 -10.86 -28.54
N THR B 168 -25.88 -11.10 -29.55
CA THR B 168 -25.49 -10.83 -30.93
C THR B 168 -26.41 -9.91 -31.74
N SER B 169 -27.50 -9.44 -31.14
CA SER B 169 -28.44 -8.58 -31.85
C SER B 169 -27.94 -7.14 -32.04
N PHE B 170 -28.39 -6.50 -33.12
CA PHE B 170 -28.03 -5.12 -33.43
C PHE B 170 -29.30 -4.31 -33.70
N PHE B 171 -29.32 -3.07 -33.24
CA PHE B 171 -30.46 -2.20 -33.46
C PHE B 171 -30.10 -0.91 -34.20
N GLY B 172 -28.80 -0.70 -34.39
CA GLY B 172 -28.36 0.47 -35.14
C GLY B 172 -28.02 1.75 -34.39
N GLY B 173 -27.82 1.65 -33.07
CA GLY B 173 -27.49 2.85 -32.32
C GLY B 173 -26.18 3.42 -32.84
N ASP B 174 -26.05 4.74 -32.81
CA ASP B 174 -24.81 5.38 -33.30
C ASP B 174 -24.53 6.69 -32.59
N LEU B 175 -23.36 7.27 -32.87
CA LEU B 175 -22.95 8.52 -32.24
C LEU B 175 -23.85 9.71 -32.58
N GLN B 176 -24.39 9.73 -33.79
CA GLN B 176 -25.27 10.83 -34.20
C GLN B 176 -26.52 10.81 -33.32
N GLY B 177 -26.97 9.61 -32.97
CA GLY B 177 -28.15 9.48 -32.14
C GLY B 177 -27.94 10.15 -30.80
N ILE B 178 -26.72 10.05 -30.26
CA ILE B 178 -26.39 10.67 -28.98
C ILE B 178 -26.46 12.18 -29.19
N ILE B 179 -25.86 12.66 -30.27
CA ILE B 179 -25.87 14.09 -30.58
C ILE B 179 -27.31 14.61 -30.65
N ASP B 180 -28.18 13.87 -31.32
CA ASP B 180 -29.58 14.26 -31.49
C ASP B 180 -30.35 14.38 -30.18
N HIS B 181 -29.90 13.68 -29.15
CA HIS B 181 -30.60 13.70 -27.86
C HIS B 181 -29.85 14.43 -26.74
N LEU B 182 -28.87 15.25 -27.09
CA LEU B 182 -28.11 15.97 -26.07
C LEU B 182 -29.00 16.90 -25.25
N ASP B 183 -29.99 17.54 -25.89
CA ASP B 183 -30.88 18.43 -25.16
C ASP B 183 -31.62 17.71 -24.04
N TYR B 184 -31.95 16.45 -24.27
CA TYR B 184 -32.63 15.64 -23.26
C TYR B 184 -31.74 15.56 -22.03
N LEU B 185 -30.46 15.28 -22.28
CA LEU B 185 -29.47 15.15 -21.21
C LEU B 185 -29.21 16.49 -20.52
N VAL B 186 -29.20 17.58 -21.28
CA VAL B 186 -28.99 18.89 -20.70
C VAL B 186 -30.16 19.20 -19.76
N ASP B 187 -31.38 18.91 -20.22
CA ASP B 187 -32.57 19.14 -19.40
C ASP B 187 -32.50 18.32 -18.12
N LEU B 188 -32.03 17.08 -18.25
CA LEU B 188 -31.92 16.20 -17.09
C LEU B 188 -30.97 16.77 -16.04
N GLY B 189 -29.91 17.42 -16.50
CA GLY B 189 -28.95 18.02 -15.57
C GLY B 189 -27.58 17.36 -15.61
N ILE B 190 -27.44 16.36 -16.49
CA ILE B 190 -26.20 15.61 -16.66
C ILE B 190 -25.04 16.51 -17.10
N THR B 191 -23.86 16.31 -16.51
CA THR B 191 -22.69 17.10 -16.87
C THR B 191 -21.52 16.21 -17.27
N GLY B 192 -21.81 14.94 -17.48
CA GLY B 192 -20.77 14.00 -17.88
C GLY B 192 -21.37 12.80 -18.58
N ILE B 193 -20.69 12.33 -19.63
CA ILE B 193 -21.17 11.16 -20.36
C ILE B 193 -20.07 10.12 -20.47
N TYR B 194 -20.37 8.92 -20.01
CA TYR B 194 -19.43 7.79 -20.09
C TYR B 194 -19.96 6.86 -21.17
N LEU B 195 -19.16 6.65 -22.20
CA LEU B 195 -19.53 5.77 -23.31
C LEU B 195 -18.77 4.46 -23.22
N THR B 196 -19.46 3.37 -23.52
CA THR B 196 -18.80 2.06 -23.52
C THR B 196 -17.97 2.07 -24.80
N PRO B 197 -17.18 1.01 -25.07
CA PRO B 197 -16.34 0.96 -26.28
C PRO B 197 -16.97 1.44 -27.59
N ILE B 198 -16.25 2.31 -28.31
CA ILE B 198 -16.73 2.82 -29.59
C ILE B 198 -15.75 2.59 -30.74
N PHE B 199 -14.65 1.88 -30.48
CA PHE B 199 -13.67 1.61 -31.52
C PHE B 199 -14.09 0.37 -32.32
N ARG B 200 -13.61 0.24 -33.55
CA ARG B 200 -14.01 -0.87 -34.39
C ARG B 200 -13.89 -2.26 -33.76
N SER B 201 -14.99 -2.99 -33.83
CA SER B 201 -15.11 -4.34 -33.30
C SER B 201 -16.35 -4.98 -33.93
N PRO B 202 -16.32 -6.30 -34.16
CA PRO B 202 -17.47 -6.96 -34.77
C PRO B 202 -18.73 -7.10 -33.90
N SER B 203 -18.58 -7.04 -32.58
CA SER B 203 -19.72 -7.23 -31.67
C SER B 203 -20.58 -5.98 -31.40
N ASN B 204 -21.68 -6.18 -30.67
CA ASN B 204 -22.58 -5.08 -30.32
C ASN B 204 -22.14 -4.33 -29.06
N HIS B 205 -21.21 -4.92 -28.32
CA HIS B 205 -20.69 -4.31 -27.08
C HIS B 205 -19.28 -3.77 -27.34
N LYS B 206 -18.59 -4.39 -28.30
CA LYS B 206 -17.25 -4.02 -28.73
C LYS B 206 -16.10 -4.06 -27.72
N TYR B 207 -16.11 -5.07 -26.85
CA TYR B 207 -15.04 -5.24 -25.87
C TYR B 207 -13.99 -6.17 -26.47
N ASP B 208 -14.23 -6.61 -27.70
CA ASP B 208 -13.30 -7.46 -28.44
C ASP B 208 -12.86 -6.57 -29.60
N THR B 209 -11.94 -5.67 -29.29
CA THR B 209 -11.41 -4.68 -30.20
C THR B 209 -10.63 -5.18 -31.41
N ALA B 210 -10.95 -4.61 -32.57
CA ALA B 210 -10.28 -4.96 -33.81
C ALA B 210 -9.22 -3.90 -34.14
N ASP B 211 -9.54 -2.64 -33.82
CA ASP B 211 -8.61 -1.55 -34.08
C ASP B 211 -8.88 -0.38 -33.14
N TYR B 212 -7.93 -0.14 -32.24
CA TYR B 212 -8.06 0.94 -31.25
C TYR B 212 -7.93 2.36 -31.81
N PHE B 213 -7.49 2.49 -33.06
CA PHE B 213 -7.34 3.82 -33.64
C PHE B 213 -8.45 4.19 -34.62
N GLU B 214 -9.55 3.45 -34.57
CA GLU B 214 -10.66 3.71 -35.47
C GLU B 214 -12.02 3.62 -34.78
N VAL B 215 -12.86 4.63 -35.00
CA VAL B 215 -14.21 4.63 -34.46
C VAL B 215 -14.95 3.58 -35.28
N ASP B 216 -15.71 2.71 -34.63
CA ASP B 216 -16.44 1.69 -35.38
C ASP B 216 -17.27 2.38 -36.46
N PRO B 217 -17.16 1.93 -37.72
CA PRO B 217 -17.91 2.52 -38.84
C PRO B 217 -19.41 2.58 -38.61
N HIS B 218 -19.93 1.65 -37.82
CA HIS B 218 -21.37 1.60 -37.54
C HIS B 218 -21.80 2.66 -36.54
N PHE B 219 -20.85 3.16 -35.76
CA PHE B 219 -21.14 4.21 -34.77
C PHE B 219 -20.92 5.58 -35.38
N GLY B 220 -20.03 5.65 -36.36
CA GLY B 220 -19.75 6.91 -37.03
C GLY B 220 -18.31 7.04 -37.47
N ASP B 221 -17.85 8.28 -37.63
CA ASP B 221 -16.47 8.55 -38.03
C ASP B 221 -15.87 9.57 -37.07
N LYS B 222 -14.56 9.78 -37.18
CA LYS B 222 -13.88 10.71 -36.29
C LYS B 222 -14.51 12.11 -36.31
N GLU B 223 -15.12 12.46 -37.44
CA GLU B 223 -15.76 13.77 -37.57
C GLU B 223 -17.00 13.82 -36.68
N THR B 224 -17.75 12.71 -36.64
CA THR B 224 -18.95 12.64 -35.82
C THR B 224 -18.57 12.72 -34.35
N LEU B 225 -17.53 11.99 -33.96
CA LEU B 225 -17.06 11.99 -32.58
C LEU B 225 -16.68 13.40 -32.15
N LYS B 226 -15.95 14.11 -33.00
CA LYS B 226 -15.54 15.48 -32.68
C LYS B 226 -16.76 16.37 -32.45
N THR B 227 -17.76 16.22 -33.32
CA THR B 227 -18.99 16.99 -33.20
C THR B 227 -19.65 16.71 -31.86
N LEU B 228 -19.73 15.43 -31.50
CA LEU B 228 -20.34 15.02 -30.24
C LEU B 228 -19.62 15.66 -29.06
N ILE B 229 -18.30 15.50 -29.01
CA ILE B 229 -17.51 16.04 -27.92
C ILE B 229 -17.58 17.57 -27.85
N ASP B 230 -17.50 18.24 -28.99
CA ASP B 230 -17.56 19.70 -28.99
C ASP B 230 -18.91 20.21 -28.51
N ARG B 231 -19.99 19.60 -28.97
CA ARG B 231 -21.33 20.00 -28.56
C ARG B 231 -21.47 19.75 -27.06
N CYS B 232 -20.94 18.62 -26.60
CA CYS B 232 -20.98 18.28 -25.19
C CYS B 232 -20.25 19.37 -24.40
N HIS B 233 -19.03 19.69 -24.81
CA HIS B 233 -18.23 20.71 -24.14
C HIS B 233 -18.93 22.06 -24.13
N GLU B 234 -19.61 22.40 -25.21
CA GLU B 234 -20.32 23.67 -25.29
C GLU B 234 -21.49 23.69 -24.31
N LYS B 235 -21.96 22.51 -23.93
CA LYS B 235 -23.08 22.38 -22.99
C LYS B 235 -22.62 22.06 -21.58
N GLY B 236 -21.31 22.14 -21.35
CA GLY B 236 -20.77 21.85 -20.02
C GLY B 236 -20.78 20.37 -19.68
N ILE B 237 -20.75 19.52 -20.70
CA ILE B 237 -20.75 18.07 -20.51
C ILE B 237 -19.41 17.50 -20.89
N ARG B 238 -18.76 16.81 -19.95
CA ARG B 238 -17.45 16.20 -20.22
C ARG B 238 -17.68 14.80 -20.80
N VAL B 239 -16.71 14.29 -21.54
CA VAL B 239 -16.85 12.99 -22.17
C VAL B 239 -15.76 11.99 -21.79
N MET B 240 -16.16 10.82 -21.34
CA MET B 240 -15.23 9.77 -20.95
C MET B 240 -15.40 8.54 -21.84
N LEU B 241 -14.29 8.03 -22.36
CA LEU B 241 -14.33 6.85 -23.23
C LEU B 241 -13.89 5.60 -22.50
N ASP B 242 -14.20 4.44 -23.09
CA ASP B 242 -13.88 3.14 -22.50
C ASP B 242 -12.61 2.58 -23.13
N ALA B 243 -11.59 2.36 -22.31
CA ALA B 243 -10.32 1.81 -22.77
C ALA B 243 -10.27 0.33 -22.45
N VAL B 244 -10.25 -0.50 -23.49
CA VAL B 244 -10.21 -1.95 -23.32
C VAL B 244 -8.77 -2.41 -23.54
N PHE B 245 -7.92 -2.16 -22.55
CA PHE B 245 -6.51 -2.50 -22.62
C PHE B 245 -6.06 -3.86 -22.10
N ASN B 246 -6.89 -4.54 -21.31
CA ASN B 246 -6.51 -5.85 -20.77
C ASN B 246 -6.42 -6.92 -21.85
N HIS B 247 -7.31 -6.82 -22.83
CA HIS B 247 -7.35 -7.79 -23.92
C HIS B 247 -7.79 -7.10 -25.21
N CYS B 248 -7.48 -7.72 -26.34
CA CYS B 248 -7.87 -7.19 -27.63
C CYS B 248 -8.94 -8.13 -28.17
N GLY B 249 -9.31 -7.95 -29.44
CA GLY B 249 -10.31 -8.81 -30.04
C GLY B 249 -9.66 -9.85 -30.93
N TYR B 250 -10.47 -10.79 -31.42
CA TYR B 250 -9.98 -11.85 -32.29
C TYR B 250 -9.50 -11.28 -33.62
N GLU B 251 -10.06 -10.15 -34.03
CA GLU B 251 -9.70 -9.54 -35.31
C GLU B 251 -8.59 -8.49 -35.24
N PHE B 252 -7.99 -8.34 -34.06
CA PHE B 252 -6.88 -7.41 -33.88
C PHE B 252 -5.73 -7.93 -34.73
N ALA B 253 -5.28 -7.11 -35.68
CA ALA B 253 -4.20 -7.50 -36.61
C ALA B 253 -3.03 -8.26 -35.98
N PRO B 254 -2.40 -7.71 -34.94
CA PRO B 254 -1.28 -8.42 -34.33
C PRO B 254 -1.67 -9.85 -33.92
N PHE B 255 -2.86 -10.01 -33.35
CA PHE B 255 -3.31 -11.32 -32.92
C PHE B 255 -3.57 -12.23 -34.11
N GLN B 256 -4.21 -11.69 -35.15
CA GLN B 256 -4.50 -12.47 -36.34
C GLN B 256 -3.19 -13.03 -36.89
N ASP B 257 -2.13 -12.22 -36.81
CA ASP B 257 -0.82 -12.64 -37.31
C ASP B 257 -0.31 -13.85 -36.53
N VAL B 258 -0.45 -13.81 -35.21
CA VAL B 258 0.01 -14.91 -34.37
C VAL B 258 -0.85 -16.15 -34.60
N TRP B 259 -2.15 -15.94 -34.78
CA TRP B 259 -3.06 -17.05 -35.00
C TRP B 259 -2.76 -17.73 -36.33
N LYS B 260 -2.21 -16.96 -37.27
CA LYS B 260 -1.87 -17.48 -38.59
C LYS B 260 -0.47 -18.10 -38.62
N ASN B 261 0.53 -17.29 -38.27
CA ASN B 261 1.92 -17.73 -38.29
C ASN B 261 2.37 -18.53 -37.07
N GLY B 262 1.72 -18.29 -35.93
CA GLY B 262 2.10 -19.02 -34.74
C GLY B 262 3.39 -18.51 -34.10
N GLU B 263 4.20 -19.42 -33.60
CA GLU B 263 5.45 -19.06 -32.94
C GLU B 263 6.43 -18.26 -33.80
N SER B 264 6.25 -18.30 -35.12
CA SER B 264 7.13 -17.56 -36.02
C SER B 264 6.69 -16.09 -36.09
N SER B 265 5.51 -15.81 -35.56
CA SER B 265 4.97 -14.46 -35.56
C SER B 265 5.80 -13.49 -34.73
N LYS B 266 6.01 -12.30 -35.28
CA LYS B 266 6.79 -11.26 -34.60
C LYS B 266 5.96 -10.60 -33.50
N TYR B 267 4.70 -11.01 -33.38
CA TYR B 267 3.79 -10.46 -32.37
C TYR B 267 3.52 -11.48 -31.26
N LYS B 268 4.26 -12.58 -31.29
CA LYS B 268 4.08 -13.64 -30.31
C LYS B 268 4.13 -13.18 -28.84
N ASP B 269 5.02 -12.25 -28.53
CA ASP B 269 5.18 -11.76 -27.16
C ASP B 269 4.21 -10.63 -26.77
N TRP B 270 3.29 -10.30 -27.68
CA TRP B 270 2.31 -9.26 -27.41
C TRP B 270 1.17 -9.85 -26.58
N PHE B 271 1.18 -11.17 -26.42
CA PHE B 271 0.14 -11.87 -25.69
C PHE B 271 0.70 -12.85 -24.66
N HIS B 272 -0.19 -13.63 -24.05
CA HIS B 272 0.20 -14.64 -23.07
C HIS B 272 -0.10 -16.02 -23.65
N ILE B 273 0.80 -16.51 -24.48
CA ILE B 273 0.63 -17.81 -25.12
C ILE B 273 1.47 -18.89 -24.44
N HIS B 274 0.84 -20.01 -24.13
CA HIS B 274 1.53 -21.12 -23.46
C HIS B 274 2.05 -22.18 -24.42
N GLU B 275 1.33 -22.39 -25.53
CA GLU B 275 1.76 -23.37 -26.51
C GLU B 275 1.38 -22.95 -27.93
N PHE B 276 1.98 -23.60 -28.92
CA PHE B 276 1.73 -23.30 -30.32
C PHE B 276 1.43 -24.61 -31.05
N PRO B 277 0.49 -24.57 -32.02
CA PRO B 277 -0.26 -23.38 -32.40
C PRO B 277 -1.38 -23.06 -31.41
N LEU B 278 -1.94 -21.86 -31.53
CA LEU B 278 -3.01 -21.44 -30.65
C LEU B 278 -4.28 -22.26 -30.86
N GLN B 279 -4.93 -22.62 -29.74
CA GLN B 279 -6.17 -23.39 -29.76
C GLN B 279 -7.21 -22.58 -28.97
N THR B 280 -8.48 -22.87 -29.21
CA THR B 280 -9.54 -22.15 -28.52
C THR B 280 -10.36 -23.02 -27.59
N GLU B 281 -10.07 -24.31 -27.56
CA GLU B 281 -10.81 -25.23 -26.70
C GLU B 281 -10.10 -26.56 -26.48
N PRO B 282 -10.55 -27.34 -25.45
CA PRO B 282 -11.64 -27.07 -24.52
C PRO B 282 -11.59 -25.62 -23.99
N ARG B 283 -10.38 -25.20 -23.64
CA ARG B 283 -10.14 -23.84 -23.17
C ARG B 283 -8.93 -23.34 -23.96
N PRO B 284 -8.85 -22.03 -24.23
CA PRO B 284 -7.73 -21.47 -24.98
C PRO B 284 -6.37 -21.85 -24.39
N ASN B 285 -5.36 -21.93 -25.24
CA ASN B 285 -4.01 -22.27 -24.80
C ASN B 285 -3.24 -20.96 -24.62
N TYR B 286 -3.99 -19.88 -24.45
CA TYR B 286 -3.43 -18.55 -24.22
C TYR B 286 -4.36 -17.83 -23.26
N ASP B 287 -3.81 -16.95 -22.42
CA ASP B 287 -4.64 -16.23 -21.47
C ASP B 287 -5.62 -15.29 -22.18
N THR B 288 -6.82 -15.21 -21.63
CA THR B 288 -7.88 -14.39 -22.20
C THR B 288 -8.71 -13.76 -21.09
N PHE B 289 -9.69 -12.94 -21.46
CA PHE B 289 -10.59 -12.39 -20.46
C PHE B 289 -11.40 -13.64 -20.14
N ALA B 290 -11.60 -13.93 -18.87
CA ALA B 290 -12.34 -15.13 -18.49
C ALA B 290 -11.74 -16.26 -19.33
N PHE B 291 -12.56 -16.95 -20.11
CA PHE B 291 -12.08 -18.02 -20.97
C PHE B 291 -12.61 -17.79 -22.39
N VAL B 292 -12.86 -16.52 -22.72
CA VAL B 292 -13.37 -16.13 -24.03
C VAL B 292 -12.25 -16.15 -25.06
N PRO B 293 -12.30 -17.10 -26.00
CA PRO B 293 -11.28 -17.23 -27.06
C PRO B 293 -11.08 -15.96 -27.87
N GLN B 294 -12.15 -15.22 -28.10
CA GLN B 294 -12.11 -13.99 -28.89
C GLN B 294 -11.55 -12.78 -28.13
N MET B 295 -11.08 -12.99 -26.91
CA MET B 295 -10.54 -11.89 -26.11
C MET B 295 -9.18 -12.25 -25.52
N PRO B 296 -8.15 -12.38 -26.36
CA PRO B 296 -6.81 -12.73 -25.88
C PRO B 296 -6.19 -11.62 -25.02
N LYS B 297 -5.59 -12.03 -23.90
CA LYS B 297 -4.96 -11.08 -22.99
C LYS B 297 -3.69 -10.46 -23.60
N LEU B 298 -3.56 -9.15 -23.46
CA LEU B 298 -2.39 -8.45 -23.99
C LEU B 298 -1.28 -8.44 -22.94
N ASN B 299 -0.04 -8.51 -23.41
CA ASN B 299 1.12 -8.48 -22.52
C ASN B 299 1.53 -7.03 -22.34
N THR B 300 0.96 -6.39 -21.33
CA THR B 300 1.25 -5.00 -21.05
C THR B 300 2.65 -4.78 -20.48
N ALA B 301 3.43 -5.85 -20.43
CA ALA B 301 4.82 -5.76 -19.94
C ALA B 301 5.75 -5.70 -21.14
N ASN B 302 5.21 -6.00 -22.32
CA ASN B 302 5.98 -5.96 -23.56
C ASN B 302 6.11 -4.52 -24.01
N PRO B 303 7.35 -4.06 -24.27
CA PRO B 303 7.60 -2.69 -24.70
C PRO B 303 6.74 -2.18 -25.87
N GLU B 304 6.55 -3.02 -26.89
CA GLU B 304 5.75 -2.60 -28.04
C GLU B 304 4.27 -2.44 -27.68
N VAL B 305 3.75 -3.37 -26.88
CA VAL B 305 2.37 -3.30 -26.47
C VAL B 305 2.14 -2.03 -25.65
N LYS B 306 3.02 -1.78 -24.68
CA LYS B 306 2.89 -0.59 -23.85
C LYS B 306 2.87 0.67 -24.70
N ARG B 307 3.79 0.75 -25.66
CA ARG B 307 3.87 1.92 -26.52
C ARG B 307 2.60 2.09 -27.33
N TYR B 308 2.09 0.98 -27.85
CA TYR B 308 0.87 1.02 -28.64
C TYR B 308 -0.32 1.51 -27.80
N LEU B 309 -0.51 0.90 -26.63
CA LEU B 309 -1.61 1.27 -25.75
C LEU B 309 -1.47 2.70 -25.22
N LEU B 310 -0.25 3.11 -24.90
CA LEU B 310 -0.04 4.46 -24.41
C LEU B 310 -0.30 5.45 -25.54
N ASP B 311 0.05 5.08 -26.77
CA ASP B 311 -0.19 5.95 -27.92
C ASP B 311 -1.70 6.09 -28.07
N VAL B 312 -2.42 4.99 -27.85
CA VAL B 312 -3.88 4.99 -27.95
C VAL B 312 -4.46 5.94 -26.90
N ALA B 313 -4.02 5.76 -25.66
CA ALA B 313 -4.50 6.58 -24.55
C ALA B 313 -4.33 8.07 -24.83
N THR B 314 -3.16 8.46 -25.28
CA THR B 314 -2.88 9.87 -25.56
C THR B 314 -3.47 10.38 -26.87
N TYR B 315 -3.65 9.50 -27.85
CA TYR B 315 -4.20 9.91 -29.13
C TYR B 315 -5.59 10.53 -29.00
N TRP B 316 -6.53 9.78 -28.41
CA TRP B 316 -7.89 10.26 -28.28
C TRP B 316 -7.99 11.51 -27.41
N ILE B 317 -7.08 11.67 -26.46
CA ILE B 317 -7.09 12.86 -25.62
C ILE B 317 -6.58 14.05 -26.43
N ARG B 318 -5.41 13.87 -27.03
CA ARG B 318 -4.78 14.93 -27.81
C ARG B 318 -5.62 15.38 -29.00
N GLU B 319 -6.11 14.42 -29.78
CA GLU B 319 -6.88 14.72 -30.98
C GLU B 319 -8.34 15.07 -30.78
N PHE B 320 -8.99 14.48 -29.77
CA PHE B 320 -10.40 14.74 -29.54
C PHE B 320 -10.73 15.45 -28.24
N ASP B 321 -9.72 15.64 -27.40
CA ASP B 321 -9.91 16.33 -26.14
C ASP B 321 -10.90 15.64 -25.20
N ILE B 322 -10.87 14.31 -25.12
CA ILE B 322 -11.79 13.61 -24.22
C ILE B 322 -11.42 13.99 -22.79
N ASP B 323 -12.34 13.79 -21.86
CA ASP B 323 -12.10 14.17 -20.47
C ASP B 323 -11.89 13.03 -19.49
N GLY B 324 -11.94 11.80 -19.97
CA GLY B 324 -11.73 10.67 -19.08
C GLY B 324 -11.55 9.35 -19.80
N TRP B 325 -10.97 8.40 -19.09
CA TRP B 325 -10.75 7.05 -19.60
C TRP B 325 -11.28 6.09 -18.54
N ARG B 326 -12.26 5.27 -18.91
CA ARG B 326 -12.80 4.24 -18.01
C ARG B 326 -12.03 3.00 -18.43
N LEU B 327 -11.30 2.41 -17.48
CA LEU B 327 -10.44 1.26 -17.75
C LEU B 327 -11.06 -0.11 -17.55
N ASP B 328 -11.39 -0.77 -18.65
CA ASP B 328 -12.01 -2.09 -18.62
C ASP B 328 -11.11 -3.12 -17.93
N VAL B 329 -11.70 -3.92 -17.03
CA VAL B 329 -10.98 -4.95 -16.29
C VAL B 329 -9.59 -4.43 -15.90
N ALA B 330 -9.57 -3.24 -15.30
CA ALA B 330 -8.33 -2.58 -14.90
C ALA B 330 -7.48 -3.36 -13.89
N ASN B 331 -8.13 -4.11 -13.01
CA ASN B 331 -7.42 -4.86 -11.99
C ASN B 331 -6.56 -6.01 -12.52
N GLU B 332 -6.78 -6.42 -13.77
CA GLU B 332 -5.98 -7.53 -14.31
C GLU B 332 -4.73 -7.10 -15.11
N ILE B 333 -4.47 -5.80 -15.14
CA ILE B 333 -3.29 -5.25 -15.81
C ILE B 333 -2.31 -4.85 -14.70
N ASP B 334 -1.01 -5.01 -14.93
CA ASP B 334 -0.02 -4.68 -13.91
C ASP B 334 0.06 -3.22 -13.47
N HIS B 335 0.46 -3.02 -12.21
CA HIS B 335 0.59 -1.68 -11.65
C HIS B 335 1.64 -0.84 -12.37
N GLU B 336 2.71 -1.48 -12.82
CA GLU B 336 3.76 -0.74 -13.51
C GLU B 336 3.14 -0.03 -14.72
N PHE B 337 2.31 -0.73 -15.47
CA PHE B 337 1.69 -0.10 -16.63
C PHE B 337 0.78 1.07 -16.25
N TRP B 338 -0.02 0.90 -15.21
CA TRP B 338 -0.91 1.97 -14.78
C TRP B 338 -0.18 3.23 -14.33
N ARG B 339 1.03 3.05 -13.78
CA ARG B 339 1.81 4.20 -13.33
C ARG B 339 2.29 4.99 -14.55
N GLU B 340 2.71 4.27 -15.60
CA GLU B 340 3.16 4.93 -16.82
C GLU B 340 1.96 5.58 -17.50
N PHE B 341 0.83 4.88 -17.47
CA PHE B 341 -0.40 5.36 -18.07
C PHE B 341 -0.75 6.71 -17.43
N ARG B 342 -0.75 6.77 -16.10
CA ARG B 342 -1.09 8.02 -15.44
C ARG B 342 -0.11 9.13 -15.79
N GLN B 343 1.18 8.82 -15.73
CA GLN B 343 2.20 9.81 -16.04
C GLN B 343 1.97 10.46 -17.40
N GLU B 344 1.82 9.64 -18.44
CA GLU B 344 1.60 10.17 -19.78
C GLU B 344 0.29 10.91 -19.96
N VAL B 345 -0.81 10.34 -19.46
CA VAL B 345 -2.11 10.99 -19.59
C VAL B 345 -2.18 12.32 -18.86
N LYS B 346 -1.68 12.36 -17.62
CA LYS B 346 -1.72 13.58 -16.82
C LYS B 346 -0.78 14.65 -17.35
N ALA B 347 0.36 14.23 -17.93
CA ALA B 347 1.31 15.19 -18.48
C ALA B 347 0.64 15.90 -19.66
N LEU B 348 -0.15 15.15 -20.42
CA LEU B 348 -0.85 15.68 -21.59
C LEU B 348 -2.04 16.56 -21.22
N LYS B 349 -2.88 16.07 -20.30
CA LYS B 349 -4.06 16.80 -19.85
C LYS B 349 -4.33 16.41 -18.39
N PRO B 350 -3.83 17.21 -17.44
CA PRO B 350 -4.02 16.94 -16.01
C PRO B 350 -5.47 16.75 -15.58
N ASP B 351 -6.39 17.32 -16.35
CA ASP B 351 -7.82 17.23 -16.05
C ASP B 351 -8.49 15.90 -16.38
N VAL B 352 -7.82 15.04 -17.15
CA VAL B 352 -8.41 13.77 -17.51
C VAL B 352 -8.66 12.88 -16.29
N TYR B 353 -9.88 12.36 -16.20
CA TYR B 353 -10.31 11.50 -15.10
C TYR B 353 -9.92 10.05 -15.44
N ILE B 354 -9.21 9.39 -14.53
CA ILE B 354 -8.81 8.00 -14.76
C ILE B 354 -9.63 7.11 -13.83
N LEU B 355 -10.58 6.40 -14.42
CA LEU B 355 -11.50 5.53 -13.69
C LEU B 355 -11.27 4.06 -14.04
N GLY B 356 -10.94 3.26 -13.03
CA GLY B 356 -10.70 1.85 -13.28
C GLY B 356 -11.90 0.97 -12.99
N GLU B 357 -12.15 -0.02 -13.83
CA GLU B 357 -13.26 -0.92 -13.56
C GLU B 357 -12.75 -2.02 -12.66
N ILE B 358 -13.02 -1.87 -11.37
CA ILE B 358 -12.64 -2.84 -10.36
C ILE B 358 -13.85 -2.93 -9.44
N TRP B 359 -14.43 -4.12 -9.33
CA TRP B 359 -15.63 -4.33 -8.52
C TRP B 359 -15.36 -4.57 -7.04
N HIS B 360 -14.11 -4.87 -6.70
CA HIS B 360 -13.73 -5.16 -5.33
C HIS B 360 -12.88 -4.04 -4.72
N ASP B 361 -12.44 -4.24 -3.48
CA ASP B 361 -11.60 -3.29 -2.75
C ASP B 361 -10.44 -2.90 -3.68
N ALA B 362 -10.30 -1.61 -3.98
CA ALA B 362 -9.24 -1.18 -4.90
C ALA B 362 -8.15 -0.29 -4.30
N MET B 363 -7.96 -0.37 -2.99
CA MET B 363 -6.96 0.46 -2.34
C MET B 363 -5.60 0.49 -3.05
N PRO B 364 -5.08 -0.68 -3.49
CA PRO B 364 -3.79 -0.72 -4.18
C PRO B 364 -3.67 0.17 -5.42
N TRP B 365 -4.80 0.49 -6.04
CA TRP B 365 -4.83 1.32 -7.24
C TRP B 365 -5.22 2.77 -6.94
N LEU B 366 -5.48 3.07 -5.68
CA LEU B 366 -5.92 4.40 -5.28
C LEU B 366 -5.01 5.12 -4.30
N ARG B 367 -3.70 4.88 -4.40
CA ARG B 367 -2.76 5.54 -3.52
C ARG B 367 -2.26 6.85 -4.10
N GLY B 368 -2.73 7.17 -5.31
CA GLY B 368 -2.35 8.43 -5.95
C GLY B 368 -1.45 8.32 -7.16
N ASP B 369 -0.82 7.16 -7.34
CA ASP B 369 0.09 6.97 -8.46
C ASP B 369 -0.55 6.28 -9.65
N GLN B 370 -1.83 5.92 -9.53
CA GLN B 370 -2.50 5.24 -10.62
C GLN B 370 -3.86 5.81 -11.02
N PHE B 371 -4.95 5.33 -10.40
CA PHE B 371 -6.27 5.81 -10.76
C PHE B 371 -6.79 6.96 -9.91
N ASP B 372 -7.81 7.65 -10.40
CA ASP B 372 -8.43 8.75 -9.68
C ASP B 372 -9.65 8.16 -8.96
N ALA B 373 -10.11 7.03 -9.47
CA ALA B 373 -11.29 6.37 -8.90
C ALA B 373 -11.54 5.01 -9.54
N VAL B 374 -12.52 4.30 -9.01
CA VAL B 374 -12.93 3.02 -9.55
C VAL B 374 -14.45 3.00 -9.56
N MET B 375 -15.03 2.14 -10.38
CA MET B 375 -16.48 2.01 -10.42
C MET B 375 -16.82 1.38 -9.08
N ASN B 376 -17.54 2.13 -8.25
CA ASN B 376 -17.87 1.70 -6.90
C ASN B 376 -19.01 0.70 -6.78
N TYR B 377 -18.78 -0.51 -7.29
CA TYR B 377 -19.78 -1.56 -7.22
C TYR B 377 -20.09 -2.02 -5.79
N PRO B 378 -19.14 -1.85 -4.85
CA PRO B 378 -19.48 -2.30 -3.49
C PRO B 378 -20.59 -1.40 -2.94
N PHE B 379 -20.62 -0.16 -3.38
CA PHE B 379 -21.65 0.81 -2.98
C PHE B 379 -22.97 0.34 -3.61
N THR B 380 -22.89 -0.07 -4.87
CA THR B 380 -24.05 -0.55 -5.61
C THR B 380 -24.72 -1.71 -4.87
N ASP B 381 -23.91 -2.68 -4.44
CA ASP B 381 -24.44 -3.83 -3.73
C ASP B 381 -25.13 -3.47 -2.41
N GLY B 382 -24.48 -2.61 -1.62
CA GLY B 382 -25.04 -2.21 -0.35
C GLY B 382 -26.35 -1.46 -0.49
N VAL B 383 -26.35 -0.47 -1.38
CA VAL B 383 -27.54 0.34 -1.61
C VAL B 383 -28.71 -0.52 -2.12
N LEU B 384 -28.42 -1.43 -3.04
CA LEU B 384 -29.49 -2.30 -3.57
C LEU B 384 -30.02 -3.24 -2.50
N ARG B 385 -29.15 -3.82 -1.70
CA ARG B 385 -29.60 -4.74 -0.66
C ARG B 385 -30.56 -4.08 0.31
N PHE B 386 -30.37 -2.79 0.57
CA PHE B 386 -31.26 -2.09 1.49
C PHE B 386 -32.53 -1.58 0.84
N PHE B 387 -32.39 -0.66 -0.11
CA PHE B 387 -33.55 -0.06 -0.78
C PHE B 387 -34.32 -0.94 -1.76
N ALA B 388 -33.62 -1.71 -2.58
CA ALA B 388 -34.27 -2.54 -3.59
C ALA B 388 -34.73 -3.92 -3.15
N LYS B 389 -33.81 -4.70 -2.61
CA LYS B 389 -34.12 -6.05 -2.17
C LYS B 389 -34.67 -6.12 -0.76
N GLU B 390 -34.41 -5.08 0.04
CA GLU B 390 -34.86 -5.03 1.42
C GLU B 390 -34.36 -6.27 2.16
N GLU B 391 -33.12 -6.66 1.90
CA GLU B 391 -32.52 -7.84 2.52
C GLU B 391 -31.72 -7.51 3.78
N ILE B 392 -31.58 -6.23 4.09
CA ILE B 392 -30.85 -5.81 5.28
C ILE B 392 -31.58 -4.65 5.94
N SER B 393 -31.34 -4.47 7.23
CA SER B 393 -31.98 -3.41 8.01
C SER B 393 -31.30 -2.06 7.78
N ALA B 394 -31.93 -1.00 8.27
CA ALA B 394 -31.37 0.34 8.14
C ALA B 394 -30.07 0.38 8.93
N ARG B 395 -30.03 -0.37 10.03
CA ARG B 395 -28.84 -0.43 10.89
C ARG B 395 -27.70 -1.11 10.14
N GLN B 396 -28.00 -2.25 9.53
CA GLN B 396 -27.00 -2.99 8.79
C GLN B 396 -26.53 -2.21 7.56
N PHE B 397 -27.44 -1.44 6.95
CA PHE B 397 -27.07 -0.64 5.79
C PHE B 397 -26.10 0.46 6.22
N ALA B 398 -26.39 1.11 7.34
CA ALA B 398 -25.53 2.16 7.86
C ALA B 398 -24.14 1.56 8.11
N ASN B 399 -24.10 0.38 8.72
CA ASN B 399 -22.84 -0.28 9.01
C ASN B 399 -22.03 -0.56 7.74
N GLN B 400 -22.69 -1.08 6.71
CA GLN B 400 -22.03 -1.40 5.45
C GLN B 400 -21.46 -0.17 4.75
N MET B 401 -22.21 0.93 4.77
CA MET B 401 -21.75 2.16 4.15
C MET B 401 -20.56 2.70 4.93
N MET B 402 -20.61 2.62 6.26
CA MET B 402 -19.50 3.08 7.08
C MET B 402 -18.28 2.19 6.84
N HIS B 403 -18.54 0.90 6.64
CA HIS B 403 -17.46 -0.05 6.39
C HIS B 403 -16.69 0.32 5.11
N VAL B 404 -17.39 0.37 3.98
CA VAL B 404 -16.71 0.68 2.73
C VAL B 404 -16.12 2.09 2.66
N LEU B 405 -16.77 3.06 3.28
CA LEU B 405 -16.24 4.43 3.25
C LEU B 405 -14.96 4.57 4.09
N HIS B 406 -14.95 3.98 5.28
CA HIS B 406 -13.77 4.09 6.13
C HIS B 406 -12.60 3.26 5.63
N SER B 407 -12.84 2.44 4.62
CA SER B 407 -11.79 1.59 4.06
C SER B 407 -10.87 2.40 3.16
N TYR B 408 -11.29 3.62 2.80
CA TYR B 408 -10.50 4.49 1.93
C TYR B 408 -10.24 5.87 2.55
N PRO B 409 -9.24 6.58 2.03
CA PRO B 409 -8.91 7.93 2.52
C PRO B 409 -10.07 8.85 2.11
N ASN B 410 -10.28 9.94 2.83
CA ASN B 410 -11.35 10.87 2.50
C ASN B 410 -11.27 11.42 1.08
N ASN B 411 -10.07 11.84 0.65
CA ASN B 411 -9.95 12.39 -0.70
C ASN B 411 -10.21 11.35 -1.80
N VAL B 412 -10.11 10.08 -1.45
CA VAL B 412 -10.40 9.03 -2.42
C VAL B 412 -11.92 8.91 -2.55
N ASN B 413 -12.62 8.92 -1.43
CA ASN B 413 -14.08 8.82 -1.43
C ASN B 413 -14.75 10.00 -2.11
N GLU B 414 -14.11 11.17 -2.00
CA GLU B 414 -14.65 12.39 -2.59
C GLU B 414 -14.66 12.38 -4.12
N ALA B 415 -13.95 11.43 -4.72
CA ALA B 415 -13.89 11.32 -6.18
C ALA B 415 -14.46 9.99 -6.70
N ALA B 416 -15.04 9.22 -5.79
CA ALA B 416 -15.60 7.90 -6.10
C ALA B 416 -16.76 7.88 -7.12
N PHE B 417 -16.70 6.91 -8.03
CA PHE B 417 -17.71 6.75 -9.09
C PHE B 417 -18.86 5.89 -8.55
N ASN B 418 -19.83 6.53 -7.90
CA ASN B 418 -20.96 5.82 -7.30
C ASN B 418 -22.11 5.56 -8.26
N LEU B 419 -22.28 4.29 -8.64
CA LEU B 419 -23.34 3.90 -9.57
C LEU B 419 -24.32 2.94 -8.89
N LEU B 420 -25.51 2.80 -9.50
CA LEU B 420 -26.55 1.93 -8.97
C LEU B 420 -26.78 0.75 -9.92
N GLY B 421 -26.20 0.86 -11.11
CA GLY B 421 -26.34 -0.18 -12.12
C GLY B 421 -25.53 0.18 -13.34
N SER B 422 -25.43 -0.76 -14.27
CA SER B 422 -24.66 -0.51 -15.49
C SER B 422 -25.04 -1.52 -16.55
N HIS B 423 -24.24 -1.59 -17.60
CA HIS B 423 -24.46 -2.54 -18.68
C HIS B 423 -24.07 -3.95 -18.23
N ASP B 424 -23.54 -4.06 -17.01
CA ASP B 424 -23.12 -5.34 -16.47
C ASP B 424 -23.96 -5.77 -15.26
N THR B 425 -25.10 -5.13 -15.05
CA THR B 425 -25.98 -5.46 -13.93
C THR B 425 -27.43 -5.48 -14.39
N SER B 426 -28.31 -6.03 -13.56
CA SER B 426 -29.74 -6.04 -13.86
C SER B 426 -30.20 -4.60 -13.68
N ARG B 427 -31.34 -4.26 -14.28
CA ARG B 427 -31.91 -2.91 -14.17
C ARG B 427 -32.40 -2.69 -12.73
N ILE B 428 -32.14 -1.50 -12.18
CA ILE B 428 -32.56 -1.24 -10.81
C ILE B 428 -34.08 -1.38 -10.58
N LEU B 429 -34.90 -0.99 -11.56
CA LEU B 429 -36.34 -1.12 -11.39
C LEU B 429 -36.70 -2.59 -11.27
N THR B 430 -36.00 -3.44 -12.02
CA THR B 430 -36.24 -4.87 -11.97
C THR B 430 -35.73 -5.42 -10.64
N VAL B 431 -34.59 -4.91 -10.16
CA VAL B 431 -34.07 -5.36 -8.88
C VAL B 431 -35.08 -4.96 -7.79
N CYS B 432 -35.78 -3.85 -8.03
CA CYS B 432 -36.78 -3.33 -7.09
C CYS B 432 -38.13 -4.02 -7.27
N GLY B 433 -38.17 -5.09 -8.06
CA GLY B 433 -39.41 -5.80 -8.29
C GLY B 433 -40.48 -4.94 -8.95
N GLY B 434 -40.05 -4.00 -9.78
CA GLY B 434 -40.99 -3.11 -10.46
C GLY B 434 -41.57 -1.98 -9.63
N ASP B 435 -41.08 -1.81 -8.41
CA ASP B 435 -41.60 -0.74 -7.54
C ASP B 435 -40.87 0.59 -7.74
N ILE B 436 -41.51 1.49 -8.49
CA ILE B 436 -40.94 2.81 -8.77
C ILE B 436 -40.59 3.56 -7.48
N ARG B 437 -41.36 3.33 -6.42
CA ARG B 437 -41.10 4.01 -5.15
C ARG B 437 -39.71 3.68 -4.63
N LYS B 438 -39.28 2.43 -4.80
CA LYS B 438 -37.97 2.03 -4.33
C LYS B 438 -36.86 2.65 -5.18
N VAL B 439 -37.07 2.73 -6.50
CA VAL B 439 -36.09 3.32 -7.38
C VAL B 439 -35.87 4.78 -6.99
N LYS B 440 -36.96 5.46 -6.66
CA LYS B 440 -36.86 6.87 -6.25
C LYS B 440 -35.98 6.98 -5.01
N LEU B 441 -36.05 6.00 -4.11
CA LEU B 441 -35.22 6.03 -2.91
C LEU B 441 -33.77 5.80 -3.30
N LEU B 442 -33.54 4.94 -4.30
CA LEU B 442 -32.19 4.65 -4.77
C LEU B 442 -31.53 5.93 -5.29
N PHE B 443 -32.26 6.66 -6.15
CA PHE B 443 -31.74 7.91 -6.69
C PHE B 443 -31.52 8.95 -5.61
N LEU B 444 -32.43 8.98 -4.64
CA LEU B 444 -32.33 9.91 -3.53
C LEU B 444 -31.01 9.69 -2.79
N PHE B 445 -30.73 8.45 -2.42
CA PHE B 445 -29.50 8.16 -1.69
C PHE B 445 -28.27 8.44 -2.55
N GLN B 446 -28.30 7.98 -3.80
CA GLN B 446 -27.18 8.19 -4.70
C GLN B 446 -26.84 9.67 -4.91
N LEU B 447 -27.86 10.48 -5.17
CA LEU B 447 -27.64 11.89 -5.45
C LEU B 447 -27.39 12.81 -4.26
N THR B 448 -27.45 12.26 -3.05
CA THR B 448 -27.16 13.04 -1.85
C THR B 448 -25.86 12.51 -1.25
N PHE B 449 -25.26 11.54 -1.94
CA PHE B 449 -24.02 10.89 -1.51
C PHE B 449 -22.80 11.58 -2.12
N THR B 450 -21.75 11.74 -1.33
CA THR B 450 -20.53 12.39 -1.79
C THR B 450 -19.79 11.60 -2.87
N GLY B 451 -19.30 12.31 -3.88
CA GLY B 451 -18.57 11.65 -4.93
C GLY B 451 -18.97 12.09 -6.32
N SER B 452 -18.75 11.22 -7.30
CA SER B 452 -19.07 11.50 -8.69
C SER B 452 -19.99 10.38 -9.20
N PRO B 453 -21.29 10.48 -8.89
CA PRO B 453 -22.29 9.48 -9.28
C PRO B 453 -22.53 9.34 -10.78
N CYS B 454 -22.98 8.17 -11.19
CA CYS B 454 -23.26 7.89 -12.60
C CYS B 454 -24.62 7.22 -12.72
N ILE B 455 -25.38 7.65 -13.72
CA ILE B 455 -26.71 7.13 -14.00
C ILE B 455 -26.68 6.31 -15.29
N TYR B 456 -27.22 5.10 -15.24
CA TYR B 456 -27.26 4.21 -16.40
C TYR B 456 -28.43 4.61 -17.29
N TYR B 457 -28.15 4.86 -18.57
CA TYR B 457 -29.19 5.30 -19.50
C TYR B 457 -30.48 4.51 -19.34
N GLY B 458 -31.60 5.23 -19.21
CA GLY B 458 -32.88 4.58 -19.09
C GLY B 458 -33.38 4.37 -17.66
N ASP B 459 -32.46 4.34 -16.70
CA ASP B 459 -32.89 4.15 -15.32
C ASP B 459 -33.68 5.36 -14.81
N GLU B 460 -33.44 6.53 -15.41
CA GLU B 460 -34.16 7.73 -15.00
C GLU B 460 -35.62 7.74 -15.48
N ILE B 461 -35.96 6.84 -16.40
CA ILE B 461 -37.32 6.77 -16.91
C ILE B 461 -38.00 5.41 -16.68
N GLY B 462 -37.38 4.57 -15.84
CA GLY B 462 -37.95 3.29 -15.51
C GLY B 462 -37.83 2.13 -16.49
N MET B 463 -36.69 2.00 -17.16
CA MET B 463 -36.52 0.89 -18.08
C MET B 463 -36.32 -0.38 -17.26
N THR B 464 -36.73 -1.52 -17.81
CA THR B 464 -36.63 -2.79 -17.10
C THR B 464 -35.73 -3.80 -17.80
N GLY B 465 -35.38 -4.87 -17.09
CA GLY B 465 -34.55 -5.90 -17.66
C GLY B 465 -33.66 -6.60 -16.66
N GLY B 466 -33.38 -7.87 -16.92
CA GLY B 466 -32.51 -8.63 -16.05
C GLY B 466 -31.07 -8.26 -16.40
N ASN B 467 -30.13 -9.13 -16.05
CA ASN B 467 -28.74 -8.85 -16.33
C ASN B 467 -28.37 -9.07 -17.80
N ASP B 468 -27.18 -8.59 -18.16
CA ASP B 468 -26.62 -8.69 -19.50
C ASP B 468 -27.13 -9.97 -20.19
N PRO B 469 -27.72 -9.86 -21.39
CA PRO B 469 -27.96 -8.68 -22.24
C PRO B 469 -29.26 -7.90 -22.00
N GLU B 470 -30.13 -8.42 -21.13
CA GLU B 470 -31.41 -7.79 -20.86
C GLU B 470 -31.38 -6.31 -20.44
N CYS B 471 -30.31 -5.92 -19.76
CA CYS B 471 -30.18 -4.54 -19.31
C CYS B 471 -29.77 -3.60 -20.43
N ARG B 472 -29.57 -4.14 -21.62
CA ARG B 472 -29.14 -3.34 -22.76
C ARG B 472 -30.22 -3.10 -23.82
N LYS B 473 -31.45 -2.90 -23.37
CA LYS B 473 -32.55 -2.63 -24.30
C LYS B 473 -32.36 -1.26 -24.94
N CYS B 474 -33.00 -1.07 -26.09
CA CYS B 474 -32.93 0.22 -26.78
C CYS B 474 -33.55 1.26 -25.87
N MET B 475 -32.99 2.45 -25.86
CA MET B 475 -33.51 3.55 -25.06
C MET B 475 -34.95 3.85 -25.47
N VAL B 476 -35.80 4.09 -24.49
CA VAL B 476 -37.21 4.40 -24.75
C VAL B 476 -37.39 5.91 -24.87
N TRP B 477 -37.71 6.39 -26.07
CA TRP B 477 -37.88 7.82 -26.29
C TRP B 477 -39.33 8.33 -26.28
N ASP B 478 -40.29 7.43 -26.46
CA ASP B 478 -41.69 7.85 -26.44
C ASP B 478 -42.07 8.16 -25.00
N PRO B 479 -42.44 9.42 -24.71
CA PRO B 479 -42.81 9.79 -23.34
C PRO B 479 -43.95 8.95 -22.74
N MET B 480 -44.79 8.38 -23.59
CA MET B 480 -45.90 7.57 -23.08
C MET B 480 -45.39 6.30 -22.42
N GLN B 481 -44.16 5.90 -22.74
CA GLN B 481 -43.57 4.70 -22.13
C GLN B 481 -42.45 5.07 -21.15
N GLN B 482 -42.37 6.34 -20.78
CA GLN B 482 -41.37 6.81 -19.83
C GLN B 482 -42.09 7.17 -18.53
N ASN B 483 -41.45 6.89 -17.39
CA ASN B 483 -42.09 7.23 -16.14
C ASN B 483 -41.75 8.69 -15.84
N LYS B 484 -42.69 9.58 -16.13
CA LYS B 484 -42.52 11.01 -15.94
C LYS B 484 -42.17 11.39 -14.51
N GLU B 485 -42.89 10.82 -13.55
CA GLU B 485 -42.65 11.10 -12.15
C GLU B 485 -41.20 10.81 -11.76
N LEU B 486 -40.71 9.64 -12.16
CA LEU B 486 -39.33 9.26 -11.85
C LEU B 486 -38.36 10.24 -12.49
N HIS B 487 -38.57 10.52 -13.77
CA HIS B 487 -37.72 11.43 -14.52
C HIS B 487 -37.61 12.80 -13.84
N GLN B 488 -38.74 13.36 -13.42
CA GLN B 488 -38.73 14.66 -12.76
C GLN B 488 -38.06 14.56 -11.40
N HIS B 489 -38.20 13.40 -10.76
CA HIS B 489 -37.59 13.15 -9.46
C HIS B 489 -36.07 13.25 -9.62
N VAL B 490 -35.55 12.60 -10.65
CA VAL B 490 -34.11 12.62 -10.91
C VAL B 490 -33.64 14.01 -11.29
N LYS B 491 -34.40 14.69 -12.13
CA LYS B 491 -34.06 16.05 -12.55
C LYS B 491 -34.03 16.97 -11.32
N GLN B 492 -35.03 16.85 -10.47
CA GLN B 492 -35.12 17.66 -9.26
C GLN B 492 -33.95 17.40 -8.31
N LEU B 493 -33.55 16.13 -8.17
CA LEU B 493 -32.45 15.76 -7.29
C LEU B 493 -31.09 16.24 -7.81
N ILE B 494 -30.89 16.17 -9.12
CA ILE B 494 -29.64 16.62 -9.69
C ILE B 494 -29.54 18.14 -9.48
N ALA B 495 -30.68 18.81 -9.55
CA ALA B 495 -30.72 20.26 -9.33
C ALA B 495 -30.30 20.57 -7.91
N LEU B 496 -30.85 19.82 -6.96
CA LEU B 496 -30.51 20.03 -5.55
C LEU B 496 -29.04 19.76 -5.28
N ARG B 497 -28.50 18.69 -5.87
CA ARG B 497 -27.10 18.33 -5.67
C ARG B 497 -26.18 19.48 -6.09
N LYS B 498 -26.54 20.14 -7.18
CA LYS B 498 -25.76 21.26 -7.69
C LYS B 498 -25.84 22.47 -6.76
N GLN B 499 -26.95 22.59 -6.04
CA GLN B 499 -27.18 23.72 -5.15
C GLN B 499 -26.59 23.57 -3.75
N TYR B 500 -26.50 22.34 -3.26
CA TYR B 500 -25.95 22.13 -1.92
C TYR B 500 -24.66 21.33 -1.93
N ARG B 501 -23.57 22.03 -1.67
CA ARG B 501 -22.23 21.45 -1.66
C ARG B 501 -22.07 20.24 -0.74
N SER B 502 -22.81 20.22 0.37
CA SER B 502 -22.69 19.11 1.31
C SER B 502 -23.12 17.77 0.69
N LEU B 503 -24.00 17.83 -0.31
CA LEU B 503 -24.48 16.62 -0.96
C LEU B 503 -23.42 15.98 -1.84
N ARG B 504 -22.62 16.81 -2.51
CA ARG B 504 -21.61 16.28 -3.38
C ARG B 504 -20.20 16.18 -2.80
N ARG B 505 -19.91 16.95 -1.75
CA ARG B 505 -18.58 16.93 -1.16
C ARG B 505 -18.52 16.80 0.36
N GLY B 506 -19.67 16.76 1.01
CA GLY B 506 -19.68 16.69 2.46
C GLY B 506 -19.46 15.31 3.08
N GLU B 507 -19.37 15.32 4.41
CA GLU B 507 -19.19 14.10 5.18
C GLU B 507 -20.60 13.56 5.45
N ILE B 508 -20.72 12.25 5.67
CA ILE B 508 -22.02 11.66 5.95
C ILE B 508 -22.02 10.97 7.31
N SER B 509 -23.15 11.07 8.01
CA SER B 509 -23.28 10.45 9.32
C SER B 509 -24.69 9.90 9.42
N PHE B 510 -24.81 8.70 9.97
CA PHE B 510 -26.12 8.07 10.12
C PHE B 510 -26.66 8.24 11.53
N LEU B 511 -27.90 8.70 11.62
CA LEU B 511 -28.54 8.89 12.91
C LEU B 511 -29.45 7.68 13.12
N HIS B 512 -29.21 6.97 14.21
CA HIS B 512 -29.96 5.76 14.51
C HIS B 512 -31.30 6.03 15.16
N ALA B 513 -32.37 5.60 14.48
CA ALA B 513 -33.73 5.78 14.97
C ALA B 513 -34.16 4.59 15.83
N ASP B 514 -35.26 4.76 16.56
CA ASP B 514 -35.79 3.72 17.42
C ASP B 514 -36.02 2.44 16.63
N ASP B 515 -36.88 2.52 15.61
CA ASP B 515 -37.16 1.37 14.76
C ASP B 515 -36.14 1.38 13.63
N GLU B 516 -34.89 1.07 13.98
CA GLU B 516 -33.81 1.07 13.00
C GLU B 516 -33.84 -0.14 12.08
N MET B 517 -35.03 -0.51 11.64
CA MET B 517 -35.20 -1.63 10.72
C MET B 517 -35.59 -1.09 9.35
N ASN B 518 -36.54 -0.17 9.32
CA ASN B 518 -37.01 0.41 8.06
C ASN B 518 -36.74 1.90 7.92
N TYR B 519 -36.51 2.59 9.03
CA TYR B 519 -36.27 4.03 9.00
C TYR B 519 -34.80 4.38 8.85
N LEU B 520 -34.46 5.10 7.80
CA LEU B 520 -33.08 5.52 7.56
C LEU B 520 -32.99 7.04 7.72
N ILE B 521 -32.11 7.48 8.62
CA ILE B 521 -31.93 8.92 8.85
C ILE B 521 -30.44 9.23 8.78
N TYR B 522 -30.07 10.15 7.90
CA TYR B 522 -28.67 10.51 7.77
C TYR B 522 -28.52 11.96 7.37
N LYS B 523 -27.32 12.50 7.52
CA LYS B 523 -27.09 13.88 7.15
C LYS B 523 -25.76 14.07 6.44
N LYS B 524 -25.71 15.10 5.60
CA LYS B 524 -24.50 15.44 4.87
C LYS B 524 -24.07 16.78 5.46
N THR B 525 -22.79 16.90 5.79
CA THR B 525 -22.28 18.13 6.39
C THR B 525 -21.04 18.65 5.70
N ASP B 526 -21.00 19.97 5.51
CA ASP B 526 -19.89 20.65 4.89
C ASP B 526 -19.88 22.03 5.55
N GLY B 527 -19.00 22.20 6.54
CA GLY B 527 -18.96 23.45 7.27
C GLY B 527 -20.26 23.50 8.04
N ASP B 528 -20.89 24.67 8.10
CA ASP B 528 -22.16 24.78 8.82
C ASP B 528 -23.35 24.27 8.00
N GLU B 529 -23.13 24.05 6.71
CA GLU B 529 -24.23 23.55 5.89
C GLU B 529 -24.51 22.10 6.22
N THR B 530 -25.78 21.81 6.42
CA THR B 530 -26.21 20.47 6.77
C THR B 530 -27.51 20.12 6.06
N VAL B 531 -27.56 18.93 5.49
CA VAL B 531 -28.77 18.45 4.83
C VAL B 531 -29.16 17.17 5.55
N LEU B 532 -30.36 17.17 6.11
CA LEU B 532 -30.88 16.02 6.83
C LEU B 532 -31.83 15.26 5.90
N VAL B 533 -31.63 13.94 5.81
CA VAL B 533 -32.48 13.11 4.96
C VAL B 533 -33.17 12.05 5.82
N ILE B 534 -34.48 11.91 5.63
CA ILE B 534 -35.27 10.95 6.38
C ILE B 534 -36.01 10.07 5.39
N ILE B 535 -35.76 8.77 5.45
CA ILE B 535 -36.40 7.83 4.54
C ILE B 535 -37.20 6.75 5.27
N ASN B 536 -38.44 6.56 4.82
CA ASN B 536 -39.31 5.55 5.39
C ASN B 536 -39.28 4.35 4.43
N ARG B 537 -38.37 3.42 4.65
CA ARG B 537 -38.31 2.25 3.76
C ARG B 537 -39.20 1.12 4.26
N SER B 538 -40.51 1.33 4.16
CA SER B 538 -41.50 0.33 4.57
C SER B 538 -42.74 0.61 3.72
N ASP B 539 -43.60 -0.38 3.54
CA ASP B 539 -44.78 -0.18 2.71
C ASP B 539 -46.00 0.31 3.49
N GLN B 540 -45.79 1.19 4.46
CA GLN B 540 -46.90 1.74 5.25
C GLN B 540 -46.52 3.11 5.78
N LYS B 541 -47.53 3.91 6.12
CA LYS B 541 -47.29 5.24 6.65
C LYS B 541 -46.45 5.13 7.91
N ALA B 542 -45.66 6.16 8.18
CA ALA B 542 -44.81 6.16 9.37
C ALA B 542 -44.57 7.57 9.89
N ASP B 543 -44.49 7.69 11.20
CA ASP B 543 -44.22 8.97 11.85
C ASP B 543 -42.83 8.83 12.46
N ILE B 544 -41.85 9.48 11.84
CA ILE B 544 -40.47 9.40 12.30
C ILE B 544 -39.99 10.68 13.00
N PRO B 545 -39.49 10.53 14.24
CA PRO B 545 -38.98 11.65 15.06
C PRO B 545 -37.65 12.21 14.58
N ILE B 546 -37.61 13.52 14.31
CA ILE B 546 -36.38 14.19 13.87
C ILE B 546 -35.56 14.52 15.12
N PRO B 547 -34.48 13.77 15.37
CA PRO B 547 -33.61 13.97 16.55
C PRO B 547 -33.12 15.41 16.75
N LEU B 548 -32.86 16.12 15.66
CA LEU B 548 -32.37 17.49 15.71
C LEU B 548 -33.02 18.36 16.79
N ASP B 549 -32.23 19.30 17.33
CA ASP B 549 -32.70 20.21 18.36
C ASP B 549 -33.16 21.53 17.74
N ALA B 550 -34.04 22.25 18.43
CA ALA B 550 -34.58 23.50 17.94
C ALA B 550 -33.81 24.75 18.35
N ARG B 551 -32.67 24.57 19.00
CA ARG B 551 -31.86 25.70 19.45
C ARG B 551 -31.56 26.67 18.31
N GLY B 552 -32.47 27.62 18.10
CA GLY B 552 -32.29 28.61 17.05
C GLY B 552 -32.10 27.96 15.70
N THR B 553 -32.69 26.78 15.52
CA THR B 553 -32.57 26.03 14.29
C THR B 553 -33.77 26.20 13.35
N TRP B 554 -33.48 26.31 12.06
CA TRP B 554 -34.51 26.44 11.05
C TRP B 554 -34.32 25.34 10.01
N LEU B 555 -35.43 24.82 9.50
CA LEU B 555 -35.37 23.77 8.50
C LEU B 555 -35.97 24.24 7.18
N VAL B 556 -35.37 23.78 6.08
CA VAL B 556 -35.85 24.13 4.76
C VAL B 556 -36.13 22.84 4.00
N ASN B 557 -37.38 22.63 3.63
CA ASN B 557 -37.76 21.43 2.88
C ASN B 557 -37.22 21.66 1.47
N LEU B 558 -36.22 20.88 1.08
CA LEU B 558 -35.60 21.03 -0.22
C LEU B 558 -36.48 20.64 -1.41
N LEU B 559 -37.53 19.86 -1.16
CA LEU B 559 -38.42 19.45 -2.22
C LEU B 559 -39.45 20.53 -2.54
N THR B 560 -39.97 21.16 -1.49
CA THR B 560 -40.98 22.21 -1.66
C THR B 560 -40.42 23.62 -1.48
N GLY B 561 -39.27 23.74 -0.83
CA GLY B 561 -38.69 25.03 -0.61
C GLY B 561 -39.26 25.70 0.62
N GLU B 562 -40.16 25.01 1.31
CA GLU B 562 -40.78 25.54 2.51
C GLU B 562 -39.81 25.69 3.68
N ARG B 563 -39.91 26.81 4.39
CA ARG B 563 -39.05 27.09 5.55
C ARG B 563 -39.88 27.03 6.82
N PHE B 564 -39.26 26.66 7.94
CA PHE B 564 -39.95 26.62 9.21
C PHE B 564 -39.01 26.41 10.40
N ALA B 565 -39.38 26.97 11.54
CA ALA B 565 -38.57 26.85 12.74
C ALA B 565 -38.76 25.51 13.42
N ALA B 566 -37.69 24.97 13.99
CA ALA B 566 -37.74 23.68 14.68
C ALA B 566 -38.60 23.79 15.93
N GLU B 567 -39.47 22.81 16.14
CA GLU B 567 -40.37 22.78 17.28
C GLU B 567 -39.66 22.75 18.64
N ALA B 568 -39.69 21.59 19.29
CA ALA B 568 -39.06 21.43 20.60
C ALA B 568 -37.72 20.69 20.52
N GLU B 569 -37.62 19.57 21.24
CA GLU B 569 -36.39 18.79 21.26
C GLU B 569 -36.30 17.87 20.04
N THR B 570 -37.46 17.45 19.53
CA THR B 570 -37.49 16.56 18.37
C THR B 570 -38.80 16.71 17.59
N LEU B 571 -38.70 17.15 16.35
CA LEU B 571 -39.86 17.34 15.50
C LEU B 571 -40.20 16.03 14.79
N CYS B 572 -41.48 15.73 14.66
CA CYS B 572 -41.92 14.48 14.03
C CYS B 572 -42.38 14.70 12.59
N THR B 573 -42.03 13.76 11.71
CA THR B 573 -42.43 13.86 10.31
C THR B 573 -43.22 12.65 9.85
N SER B 574 -44.37 12.90 9.22
CA SER B 574 -45.23 11.83 8.73
C SER B 574 -44.93 11.57 7.25
N LEU B 575 -44.62 10.31 6.94
CA LEU B 575 -44.31 9.94 5.57
C LEU B 575 -45.15 8.77 5.06
N PRO B 576 -45.48 8.81 3.77
CA PRO B 576 -46.28 7.73 3.17
C PRO B 576 -45.34 6.55 2.91
N PRO B 577 -45.88 5.43 2.42
CA PRO B 577 -45.04 4.25 2.14
C PRO B 577 -43.84 4.63 1.27
N TYR B 578 -42.65 4.22 1.68
CA TYR B 578 -41.43 4.52 0.94
C TYR B 578 -41.24 6.01 0.70
N GLY B 579 -41.83 6.81 1.60
CA GLY B 579 -41.72 8.25 1.49
C GLY B 579 -40.37 8.75 1.94
N PHE B 580 -40.12 10.04 1.77
CA PHE B 580 -38.85 10.64 2.14
C PHE B 580 -38.96 12.15 2.17
N VAL B 581 -38.00 12.79 2.82
CA VAL B 581 -37.95 14.24 2.90
C VAL B 581 -36.51 14.67 3.16
N LEU B 582 -36.13 15.81 2.63
CA LEU B 582 -34.79 16.37 2.83
C LEU B 582 -34.95 17.74 3.45
N TYR B 583 -34.09 18.07 4.41
CA TYR B 583 -34.14 19.36 5.08
C TYR B 583 -32.77 20.01 5.20
N ALA B 584 -32.66 21.26 4.79
CA ALA B 584 -31.42 21.97 4.94
C ALA B 584 -31.55 22.45 6.39
N ILE B 585 -30.49 22.29 7.18
CA ILE B 585 -30.55 22.71 8.57
C ILE B 585 -29.74 23.99 8.74
N GLU B 586 -30.39 25.06 9.18
CA GLU B 586 -29.72 26.34 9.39
C GLU B 586 -29.57 26.61 10.88
N HIS B 587 -28.37 27.03 11.28
CA HIS B 587 -28.10 27.35 12.67
C HIS B 587 -27.98 28.86 12.81
N TRP B 588 -28.95 29.46 13.50
CA TRP B 588 -28.97 30.91 13.71
C TRP B 588 -28.87 31.25 15.19
CL CL C . 45.69 -2.34 -4.06
CA CA D . 44.84 9.82 6.34
CA CA E . -27.60 3.68 -37.15
#